data_2XRF
#
_entry.id   2XRF
#
_cell.length_a   95.280
_cell.length_b   95.280
_cell.length_c   186.280
_cell.angle_alpha   90.00
_cell.angle_beta   90.00
_cell.angle_gamma   120.00
#
_symmetry.space_group_name_H-M   'P 31 2 1'
#
loop_
_entity.id
_entity.type
_entity.pdbx_description
1 polymer 'URIDINE PHOSPHORYLASE 2'
2 non-polymer 'MAGNESIUM ION'
3 non-polymer URACIL
4 non-polymer GLYCEROL
5 water water
#
_entity_poly.entity_id   1
_entity_poly.type   'polypeptide(L)'
_entity_poly.pdbx_seq_one_letter_code
;MRFVHVKNPYLDLMDEDILYHLDLGTKTHNLPAMFGDVKFVCVGGSPNRMKAFALFMHKELGFEEAEEDIKDICAGTDRY
CMYKTGPVLAISHGMGIPSISIMLHELIKLLHHARCCDVTIIRIGTSGGIGIAPGTVVITDIAVDSFFKPRFEQVILDNI
VTRSTELDKELSEELFNCSKEIPNFPTLVGHTMCTYDFYEGQGRLDGALCSFSREKKLDYLKRAFKAGVRNIEMESTVFA
AMCGLCGLKAAVVCVTLLDRLDCDQINLPHDVLVEYQQRPQLLISNFIRRRLGLCDAHHHHHH
;
_entity_poly.pdbx_strand_id   A,B,C
#
loop_
_chem_comp.id
_chem_comp.type
_chem_comp.name
_chem_comp.formula
GOL non-polymer GLYCEROL 'C3 H8 O3'
MG non-polymer 'MAGNESIUM ION' 'Mg 2'
URA non-polymer URACIL 'C4 H4 N2 O2'
#
# COMPACT_ATOMS: atom_id res chain seq x y z
N ARG A 2 -28.37 12.51 5.12
CA ARG A 2 -27.39 12.18 4.07
C ARG A 2 -27.49 13.22 2.99
N PHE A 3 -26.58 14.23 3.04
CA PHE A 3 -26.58 15.34 2.10
C PHE A 3 -25.93 14.98 0.79
N VAL A 4 -26.44 15.56 -0.30
CA VAL A 4 -25.83 15.44 -1.63
C VAL A 4 -24.63 16.37 -1.59
N HIS A 5 -23.43 15.82 -1.87
CA HIS A 5 -22.20 16.57 -1.85
CA HIS A 5 -22.16 16.53 -1.83
C HIS A 5 -21.45 16.51 -3.17
N VAL A 6 -20.73 17.59 -3.49
CA VAL A 6 -19.89 17.67 -4.67
C VAL A 6 -18.50 17.25 -4.16
N LYS A 7 -17.57 16.88 -5.06
CA LYS A 7 -16.20 16.55 -4.69
C LYS A 7 -15.28 17.39 -5.58
N ASN A 8 -15.30 18.70 -5.33
CA ASN A 8 -14.55 19.70 -6.09
C ASN A 8 -14.33 20.94 -5.22
N PRO A 9 -13.08 21.19 -4.74
CA PRO A 9 -12.83 22.38 -3.91
C PRO A 9 -12.93 23.72 -4.65
N TYR A 10 -12.93 23.72 -5.99
CA TYR A 10 -13.03 24.96 -6.77
C TYR A 10 -14.43 25.56 -6.83
N LEU A 11 -15.48 24.75 -6.63
CA LEU A 11 -16.87 25.26 -6.75
C LEU A 11 -17.15 26.36 -5.75
N ASP A 12 -16.71 26.17 -4.51
CA ASP A 12 -16.86 27.12 -3.40
C ASP A 12 -16.24 28.49 -3.71
N LEU A 13 -15.20 28.53 -4.56
CA LEU A 13 -14.46 29.74 -4.91
C LEU A 13 -15.18 30.59 -5.96
N MET A 14 -16.11 29.98 -6.71
CA MET A 14 -16.85 30.67 -7.76
C MET A 14 -17.92 31.58 -7.18
N ASP A 15 -18.10 32.78 -7.78
CA ASP A 15 -19.13 33.73 -7.37
C ASP A 15 -20.52 33.22 -7.78
N GLU A 16 -20.63 32.70 -9.03
CA GLU A 16 -21.84 32.10 -9.58
C GLU A 16 -21.52 30.75 -10.23
N ASP A 17 -22.52 29.87 -10.28
CA ASP A 17 -22.38 28.60 -10.97
C ASP A 17 -23.43 28.53 -12.07
N ILE A 18 -23.00 28.52 -13.34
CA ILE A 18 -23.87 28.47 -14.53
C ILE A 18 -24.01 27.00 -14.96
N LEU A 19 -25.24 26.45 -14.87
CA LEU A 19 -25.51 25.07 -15.28
C LEU A 19 -25.91 25.17 -16.74
N TYR A 20 -24.90 25.33 -17.59
CA TYR A 20 -25.04 25.62 -19.02
C TYR A 20 -26.00 24.70 -19.75
N HIS A 21 -25.90 23.38 -19.57
CA HIS A 21 -26.76 22.46 -20.33
C HIS A 21 -28.16 22.37 -19.76
N LEU A 22 -28.35 22.70 -18.46
CA LEU A 22 -29.68 22.69 -17.84
C LEU A 22 -30.32 24.08 -17.94
N ASP A 23 -29.55 25.08 -18.44
CA ASP A 23 -29.99 26.47 -18.59
C ASP A 23 -30.55 26.98 -17.23
N LEU A 24 -29.80 26.72 -16.14
CA LEU A 24 -30.10 27.15 -14.78
C LEU A 24 -28.84 27.76 -14.17
N GLY A 25 -28.95 28.43 -13.02
CA GLY A 25 -27.81 29.08 -12.36
C GLY A 25 -28.10 29.53 -10.94
N THR A 26 -27.05 29.74 -10.13
CA THR A 26 -27.15 30.18 -8.73
C THR A 26 -27.58 31.66 -8.62
N LYS A 27 -27.24 32.49 -9.64
CA LYS A 27 -27.54 33.93 -9.69
C LYS A 27 -28.95 34.18 -10.25
N THR A 28 -29.32 33.45 -11.30
CA THR A 28 -30.58 33.54 -12.02
C THR A 28 -31.71 32.79 -11.33
N HIS A 29 -31.39 31.84 -10.42
CA HIS A 29 -32.41 31.01 -9.76
C HIS A 29 -32.17 30.79 -8.30
N ASN A 30 -33.26 30.63 -7.54
CA ASN A 30 -33.21 30.29 -6.12
C ASN A 30 -33.35 28.75 -6.01
N LEU A 31 -32.21 28.05 -6.14
CA LEU A 31 -32.09 26.59 -6.15
C LEU A 31 -32.52 25.95 -4.81
N PRO A 32 -32.17 26.48 -3.60
CA PRO A 32 -32.71 25.86 -2.37
C PRO A 32 -34.24 25.93 -2.28
N ALA A 33 -34.87 27.01 -2.85
CA ALA A 33 -36.34 27.14 -2.79
C ALA A 33 -37.00 26.25 -3.83
N MET A 34 -36.39 26.13 -5.01
CA MET A 34 -36.96 25.31 -6.07
C MET A 34 -36.81 23.82 -5.82
N PHE A 35 -35.64 23.38 -5.28
CA PHE A 35 -35.35 21.96 -5.21
C PHE A 35 -35.02 21.39 -3.83
N GLY A 36 -35.02 22.20 -2.77
CA GLY A 36 -34.69 21.73 -1.43
C GLY A 36 -35.50 20.55 -0.90
N ASP A 37 -36.76 20.42 -1.34
CA ASP A 37 -37.65 19.34 -0.90
C ASP A 37 -37.55 18.06 -1.81
N VAL A 38 -36.65 18.05 -2.82
CA VAL A 38 -36.47 16.90 -3.71
C VAL A 38 -35.94 15.70 -2.92
N LYS A 39 -36.66 14.56 -3.01
CA LYS A 39 -36.29 13.32 -2.33
C LYS A 39 -36.18 12.18 -3.35
N PHE A 40 -36.81 12.34 -4.52
CA PHE A 40 -36.80 11.33 -5.58
C PHE A 40 -36.46 11.99 -6.88
N VAL A 41 -35.42 11.45 -7.55
CA VAL A 41 -35.00 11.87 -8.88
C VAL A 41 -35.15 10.67 -9.80
N CYS A 42 -35.93 10.84 -10.87
CA CYS A 42 -36.13 9.78 -11.83
CA CYS A 42 -36.14 9.78 -11.83
C CYS A 42 -35.61 10.24 -13.17
N VAL A 43 -34.69 9.44 -13.76
CA VAL A 43 -34.04 9.80 -15.01
C VAL A 43 -34.22 8.72 -16.09
N GLY A 44 -34.41 9.17 -17.32
CA GLY A 44 -34.59 8.34 -18.51
C GLY A 44 -34.05 9.08 -19.71
N GLY A 45 -33.87 8.39 -20.83
CA GLY A 45 -33.30 9.00 -22.02
C GLY A 45 -34.23 9.92 -22.79
N SER A 46 -35.43 9.42 -23.09
CA SER A 46 -36.45 10.07 -23.89
C SER A 46 -37.17 11.23 -23.16
N PRO A 47 -37.14 12.46 -23.74
CA PRO A 47 -37.86 13.59 -23.13
C PRO A 47 -39.38 13.40 -23.11
N ASN A 48 -39.95 12.80 -24.17
CA ASN A 48 -41.40 12.50 -24.25
C ASN A 48 -41.82 11.48 -23.20
N ARG A 49 -41.00 10.44 -23.00
CA ARG A 49 -41.24 9.40 -22.01
C ARG A 49 -41.12 9.97 -20.58
N MET A 50 -40.19 10.93 -20.33
CA MET A 50 -40.04 11.51 -18.98
C MET A 50 -41.16 12.51 -18.70
N LYS A 51 -41.65 13.19 -19.75
CA LYS A 51 -42.81 14.07 -19.64
C LYS A 51 -44.02 13.24 -19.22
N ALA A 52 -44.24 12.09 -19.91
CA ALA A 52 -45.34 11.17 -19.64
C ALA A 52 -45.21 10.58 -18.22
N PHE A 53 -43.95 10.33 -17.76
CA PHE A 53 -43.70 9.80 -16.42
C PHE A 53 -44.08 10.84 -15.37
N ALA A 54 -43.74 12.12 -15.59
CA ALA A 54 -44.04 13.20 -14.65
C ALA A 54 -45.55 13.39 -14.52
N LEU A 55 -46.26 13.38 -15.66
CA LEU A 55 -47.73 13.48 -15.68
C LEU A 55 -48.35 12.29 -14.94
N PHE A 56 -47.78 11.08 -15.15
CA PHE A 56 -48.23 9.86 -14.49
C PHE A 56 -48.00 9.97 -12.97
N MET A 57 -46.80 10.39 -12.54
CA MET A 57 -46.47 10.53 -11.10
C MET A 57 -47.33 11.57 -10.38
N HIS A 58 -47.65 12.68 -11.06
CA HIS A 58 -48.49 13.75 -10.56
C HIS A 58 -49.83 13.13 -10.05
N LYS A 59 -50.51 12.32 -10.91
CA LYS A 59 -51.74 11.58 -10.58
C LYS A 59 -51.51 10.54 -9.49
N GLU A 60 -50.36 9.81 -9.52
CA GLU A 60 -50.05 8.77 -8.51
C GLU A 60 -49.76 9.36 -7.13
N LEU A 61 -49.31 10.62 -7.05
CA LEU A 61 -49.05 11.28 -5.77
C LEU A 61 -50.36 11.81 -5.17
N GLY A 62 -51.45 11.71 -5.93
CA GLY A 62 -52.79 12.08 -5.48
C GLY A 62 -53.34 13.38 -6.06
N PHE A 63 -52.55 14.10 -6.89
CA PHE A 63 -52.99 15.35 -7.45
C PHE A 63 -53.94 15.14 -8.64
N GLU A 64 -54.79 16.13 -8.92
CA GLU A 64 -55.81 16.06 -9.97
C GLU A 64 -55.34 16.60 -11.31
N ASP A 69 -50.52 22.25 -19.87
CA ASP A 69 -49.74 21.07 -19.51
C ASP A 69 -48.46 21.42 -18.71
N ILE A 70 -47.91 20.42 -17.98
CA ILE A 70 -46.76 20.47 -17.06
C ILE A 70 -45.53 21.15 -17.73
N LYS A 71 -45.01 22.19 -17.04
CA LYS A 71 -43.92 23.04 -17.48
C LYS A 71 -42.52 22.41 -17.32
N ASP A 72 -41.76 22.45 -18.42
CA ASP A 72 -40.38 22.00 -18.44
C ASP A 72 -39.56 23.11 -17.75
N ILE A 73 -38.91 22.78 -16.62
CA ILE A 73 -38.06 23.70 -15.87
C ILE A 73 -36.84 24.09 -16.77
N CYS A 74 -36.44 23.19 -17.70
CA CYS A 74 -35.34 23.43 -18.64
C CYS A 74 -35.90 23.73 -20.04
N ALA A 75 -37.08 24.38 -20.13
CA ALA A 75 -37.75 24.73 -21.41
C ALA A 75 -36.87 25.53 -22.37
N GLY A 76 -35.91 26.27 -21.81
CA GLY A 76 -34.96 27.08 -22.56
C GLY A 76 -33.91 26.32 -23.35
N THR A 77 -33.84 24.98 -23.19
CA THR A 77 -32.87 24.13 -23.90
C THR A 77 -33.53 22.85 -24.40
N ASP A 78 -33.10 22.39 -25.59
CA ASP A 78 -33.61 21.14 -26.16
C ASP A 78 -32.70 19.93 -25.81
N ARG A 79 -31.61 20.18 -25.03
CA ARG A 79 -30.66 19.13 -24.59
C ARG A 79 -31.32 18.19 -23.58
N TYR A 80 -31.97 18.78 -22.57
CA TYR A 80 -32.64 18.10 -21.48
C TYR A 80 -33.96 18.75 -21.11
N CYS A 81 -34.85 17.97 -20.49
N CYS A 81 -34.87 17.96 -20.50
CA CYS A 81 -36.14 18.42 -19.98
CA CYS A 81 -36.21 18.35 -20.01
C CYS A 81 -36.21 18.06 -18.50
C CYS A 81 -36.31 17.99 -18.54
N MET A 82 -36.88 18.88 -17.70
CA MET A 82 -37.00 18.62 -16.27
C MET A 82 -38.39 18.97 -15.78
N TYR A 83 -39.02 18.06 -15.04
CA TYR A 83 -40.36 18.28 -14.47
C TYR A 83 -40.35 17.94 -13.00
N LYS A 84 -41.11 18.71 -12.22
CA LYS A 84 -41.17 18.48 -10.78
C LYS A 84 -42.62 18.36 -10.32
N THR A 85 -42.93 17.27 -9.58
CA THR A 85 -44.24 17.04 -8.97
C THR A 85 -43.96 16.64 -7.53
N GLY A 86 -44.26 17.54 -6.60
CA GLY A 86 -44.00 17.31 -5.19
C GLY A 86 -42.52 17.06 -4.92
N PRO A 87 -42.17 15.98 -4.19
CA PRO A 87 -40.75 15.71 -3.92
C PRO A 87 -40.05 14.95 -5.06
N VAL A 88 -40.76 14.75 -6.21
CA VAL A 88 -40.31 13.97 -7.36
C VAL A 88 -39.82 14.87 -8.51
N LEU A 89 -38.56 14.66 -8.92
CA LEU A 89 -37.93 15.35 -10.03
C LEU A 89 -37.76 14.35 -11.17
N ALA A 90 -38.25 14.67 -12.39
CA ALA A 90 -38.18 13.82 -13.58
C ALA A 90 -37.27 14.47 -14.62
N ILE A 91 -36.16 13.80 -15.03
CA ILE A 91 -35.21 14.41 -15.96
C ILE A 91 -34.81 13.48 -17.09
N SER A 92 -34.82 14.03 -18.33
CA SER A 92 -34.34 13.30 -19.49
C SER A 92 -32.80 13.41 -19.53
N HIS A 93 -32.09 12.43 -20.11
CA HIS A 93 -30.63 12.50 -20.16
C HIS A 93 -30.01 12.11 -21.51
N GLY A 94 -30.84 11.87 -22.53
CA GLY A 94 -30.36 11.47 -23.86
C GLY A 94 -29.78 10.08 -23.89
N MET A 95 -28.94 9.76 -24.89
CA MET A 95 -28.36 8.42 -24.97
C MET A 95 -26.84 8.40 -24.81
N GLY A 96 -26.37 7.45 -24.00
CA GLY A 96 -24.94 7.23 -23.78
C GLY A 96 -24.34 7.82 -22.53
N ILE A 97 -23.17 7.28 -22.13
CA ILE A 97 -22.40 7.71 -20.96
C ILE A 97 -22.10 9.26 -21.04
N PRO A 98 -21.59 9.85 -22.15
CA PRO A 98 -21.33 11.29 -22.15
C PRO A 98 -22.58 12.16 -21.94
N SER A 99 -23.70 11.82 -22.55
CA SER A 99 -24.93 12.63 -22.39
C SER A 99 -25.45 12.61 -20.94
N ILE A 100 -25.51 11.43 -20.28
CA ILE A 100 -25.98 11.35 -18.89
C ILE A 100 -24.92 11.96 -17.93
N SER A 101 -23.61 11.82 -18.23
CA SER A 101 -22.55 12.39 -17.39
C SER A 101 -22.70 13.92 -17.29
N ILE A 102 -22.94 14.63 -18.41
CA ILE A 102 -23.15 16.10 -18.42
C ILE A 102 -24.32 16.46 -17.49
N MET A 103 -25.47 15.77 -17.67
CA MET A 103 -26.66 15.95 -16.85
C MET A 103 -26.35 15.71 -15.36
N LEU A 104 -25.71 14.56 -15.02
CA LEU A 104 -25.40 14.18 -13.64
C LEU A 104 -24.49 15.20 -12.97
N HIS A 105 -23.49 15.76 -13.69
CA HIS A 105 -22.58 16.77 -13.13
C HIS A 105 -23.35 18.01 -12.69
N GLU A 106 -24.22 18.50 -13.56
CA GLU A 106 -25.04 19.68 -13.35
C GLU A 106 -26.14 19.40 -12.33
N LEU A 107 -26.72 18.20 -12.36
CA LEU A 107 -27.74 17.82 -11.38
C LEU A 107 -27.15 17.66 -9.97
N ILE A 108 -25.97 17.00 -9.81
CA ILE A 108 -25.37 16.84 -8.48
C ILE A 108 -25.03 18.25 -7.91
N LYS A 109 -24.48 19.15 -8.76
CA LYS A 109 -24.22 20.54 -8.34
C LYS A 109 -25.54 21.23 -7.95
N LEU A 110 -26.62 21.04 -8.75
CA LEU A 110 -27.92 21.64 -8.46
C LEU A 110 -28.45 21.19 -7.09
N LEU A 111 -28.43 19.87 -6.80
CA LEU A 111 -28.95 19.28 -5.54
C LEU A 111 -28.13 19.71 -4.35
N HIS A 112 -26.81 19.90 -4.56
CA HIS A 112 -25.89 20.36 -3.53
C HIS A 112 -26.15 21.88 -3.27
N HIS A 113 -26.35 22.72 -4.32
CA HIS A 113 -26.66 24.16 -4.08
C HIS A 113 -27.99 24.32 -3.32
N ALA A 114 -28.96 23.43 -3.60
CA ALA A 114 -30.29 23.40 -2.97
C ALA A 114 -30.26 22.79 -1.57
N ARG A 115 -29.09 22.28 -1.14
CA ARG A 115 -28.85 21.60 0.15
C ARG A 115 -29.81 20.38 0.33
N CYS A 116 -30.02 19.59 -0.76
CA CYS A 116 -30.86 18.39 -0.71
C CYS A 116 -30.23 17.31 0.14
N CYS A 117 -31.07 16.51 0.78
CA CYS A 117 -30.61 15.39 1.60
C CYS A 117 -31.59 14.22 1.45
N ASP A 118 -31.10 12.99 1.73
CA ASP A 118 -31.85 11.72 1.67
C ASP A 118 -32.52 11.55 0.30
N VAL A 119 -31.73 11.79 -0.75
CA VAL A 119 -32.20 11.72 -2.14
C VAL A 119 -31.95 10.34 -2.72
N THR A 120 -33.01 9.75 -3.30
CA THR A 120 -33.00 8.49 -4.06
C THR A 120 -33.06 8.86 -5.52
N ILE A 121 -32.17 8.29 -6.33
CA ILE A 121 -32.15 8.55 -7.76
C ILE A 121 -32.31 7.22 -8.50
N ILE A 122 -33.24 7.17 -9.47
CA ILE A 122 -33.50 5.93 -10.18
C ILE A 122 -33.51 6.15 -11.68
N ARG A 123 -32.62 5.42 -12.36
CA ARG A 123 -32.61 5.41 -13.81
C ARG A 123 -33.67 4.41 -14.25
N ILE A 124 -34.58 4.86 -15.11
CA ILE A 124 -35.63 4.03 -15.68
C ILE A 124 -35.46 4.05 -17.18
N GLY A 125 -35.60 2.89 -17.82
CA GLY A 125 -35.46 2.83 -19.26
C GLY A 125 -35.61 1.44 -19.84
N THR A 126 -35.11 1.30 -21.06
CA THR A 126 -35.16 0.08 -21.84
C THR A 126 -33.76 -0.49 -21.92
N SER A 127 -33.66 -1.76 -22.31
CA SER A 127 -32.43 -2.53 -22.41
C SER A 127 -32.64 -3.78 -23.26
N GLY A 128 -31.56 -4.47 -23.59
CA GLY A 128 -31.62 -5.74 -24.28
C GLY A 128 -31.47 -6.83 -23.23
N GLY A 129 -32.29 -7.87 -23.30
CA GLY A 129 -32.21 -8.99 -22.36
C GLY A 129 -31.28 -10.10 -22.83
N ILE A 130 -30.73 -10.85 -21.86
CA ILE A 130 -29.88 -12.01 -22.14
C ILE A 130 -30.47 -13.19 -21.43
N GLY A 131 -31.09 -14.10 -22.19
CA GLY A 131 -31.68 -15.31 -21.63
C GLY A 131 -32.87 -15.05 -20.73
N ILE A 132 -33.62 -13.96 -20.99
CA ILE A 132 -34.80 -13.64 -20.21
C ILE A 132 -35.88 -13.19 -21.20
N ALA A 133 -37.16 -13.39 -20.83
CA ALA A 133 -38.29 -13.06 -21.69
C ALA A 133 -38.37 -11.56 -21.98
N PRO A 134 -38.67 -11.16 -23.25
CA PRO A 134 -38.89 -9.73 -23.53
C PRO A 134 -39.99 -9.15 -22.63
N GLY A 135 -39.78 -7.93 -22.14
CA GLY A 135 -40.73 -7.29 -21.24
C GLY A 135 -40.42 -7.50 -19.77
N THR A 136 -39.32 -8.23 -19.44
CA THR A 136 -38.89 -8.46 -18.06
C THR A 136 -38.29 -7.15 -17.50
N VAL A 137 -38.61 -6.84 -16.24
CA VAL A 137 -38.06 -5.65 -15.59
C VAL A 137 -36.83 -6.10 -14.80
N VAL A 138 -35.67 -5.51 -15.10
CA VAL A 138 -34.45 -5.86 -14.40
C VAL A 138 -34.09 -4.75 -13.46
N ILE A 139 -33.95 -5.10 -12.18
CA ILE A 139 -33.47 -4.18 -11.15
C ILE A 139 -31.99 -4.51 -11.04
N THR A 140 -31.13 -3.57 -11.38
CA THR A 140 -29.69 -3.84 -11.36
C THR A 140 -29.12 -4.01 -9.94
N ASP A 141 -28.41 -5.10 -9.67
CA ASP A 141 -27.74 -5.21 -8.38
C ASP A 141 -26.32 -4.66 -8.58
N ILE A 142 -25.64 -5.04 -9.69
CA ILE A 142 -24.29 -4.58 -10.01
C ILE A 142 -24.23 -4.13 -11.48
N ALA A 143 -23.70 -2.93 -11.73
CA ALA A 143 -23.51 -2.43 -13.10
C ALA A 143 -22.09 -2.76 -13.55
N VAL A 144 -21.95 -3.41 -14.71
CA VAL A 144 -20.63 -3.84 -15.20
C VAL A 144 -20.32 -3.28 -16.57
N ASP A 145 -19.02 -3.24 -16.93
CA ASP A 145 -18.59 -2.78 -18.24
C ASP A 145 -18.65 -3.96 -19.23
N SER A 146 -18.19 -3.75 -20.47
CA SER A 146 -18.16 -4.74 -21.55
C SER A 146 -17.28 -5.96 -21.20
N PHE A 147 -16.39 -5.84 -20.21
CA PHE A 147 -15.49 -6.92 -19.76
C PHE A 147 -16.06 -7.63 -18.53
N PHE A 148 -17.32 -7.29 -18.18
CA PHE A 148 -18.13 -7.82 -17.08
C PHE A 148 -17.54 -7.45 -15.71
N LYS A 149 -16.80 -6.35 -15.65
CA LYS A 149 -16.16 -5.84 -14.44
C LYS A 149 -16.95 -4.66 -13.84
N PRO A 150 -17.19 -4.68 -12.50
CA PRO A 150 -17.98 -3.60 -11.88
C PRO A 150 -17.12 -2.36 -11.64
N ARG A 151 -16.81 -1.67 -12.72
CA ARG A 151 -15.94 -0.50 -12.65
C ARG A 151 -16.32 0.51 -13.72
N PHE A 152 -16.05 1.79 -13.46
CA PHE A 152 -16.26 2.83 -14.45
C PHE A 152 -14.92 3.52 -14.71
N GLU A 153 -14.43 3.39 -15.95
CA GLU A 153 -13.17 3.95 -16.40
C GLU A 153 -13.43 5.20 -17.19
N GLN A 154 -12.73 6.28 -16.86
CA GLN A 154 -12.82 7.52 -17.63
C GLN A 154 -11.45 8.16 -17.73
N VAL A 155 -11.27 8.97 -18.78
CA VAL A 155 -10.03 9.68 -19.04
C VAL A 155 -10.15 11.09 -18.45
N ILE A 156 -9.26 11.42 -17.50
CA ILE A 156 -9.22 12.73 -16.87
C ILE A 156 -7.84 13.27 -17.21
N LEU A 157 -7.79 14.35 -18.04
CA LEU A 157 -6.55 14.92 -18.59
C LEU A 157 -5.85 13.79 -19.36
N ASP A 158 -4.59 13.46 -19.04
CA ASP A 158 -3.81 12.36 -19.67
C ASP A 158 -3.92 11.04 -18.93
N ASN A 159 -4.76 10.94 -17.91
CA ASN A 159 -4.81 9.71 -17.12
C ASN A 159 -6.17 9.05 -17.09
N ILE A 160 -6.13 7.72 -16.97
CA ILE A 160 -7.32 6.90 -16.81
C ILE A 160 -7.53 6.78 -15.31
N VAL A 161 -8.74 7.11 -14.87
CA VAL A 161 -9.17 7.00 -13.48
C VAL A 161 -10.32 5.97 -13.43
N THR A 162 -10.27 5.02 -12.48
CA THR A 162 -11.29 3.97 -12.36
C THR A 162 -12.06 4.15 -11.06
N ARG A 163 -13.40 4.11 -11.20
CA ARG A 163 -14.32 4.28 -10.07
C ARG A 163 -15.24 3.06 -9.94
N SER A 164 -15.69 2.82 -8.69
CA SER A 164 -16.59 1.76 -8.28
C SER A 164 -18.00 2.05 -8.82
N THR A 165 -18.72 1.00 -9.26
CA THR A 165 -20.09 1.11 -9.76
C THR A 165 -21.05 0.37 -8.81
N GLU A 166 -20.77 0.46 -7.51
CA GLU A 166 -21.57 -0.22 -6.52
C GLU A 166 -22.92 0.52 -6.32
N LEU A 167 -24.03 -0.19 -6.55
CA LEU A 167 -25.38 0.33 -6.38
C LEU A 167 -25.88 -0.04 -4.97
N ASP A 168 -26.80 0.75 -4.41
CA ASP A 168 -27.32 0.51 -3.06
C ASP A 168 -28.13 -0.81 -3.02
N LYS A 169 -27.56 -1.81 -2.31
CA LYS A 169 -28.08 -3.17 -2.16
C LYS A 169 -29.48 -3.21 -1.54
N GLU A 170 -29.70 -2.55 -0.40
CA GLU A 170 -31.01 -2.51 0.28
C GLU A 170 -32.09 -1.85 -0.57
N LEU A 171 -31.71 -0.85 -1.35
CA LEU A 171 -32.65 -0.16 -2.23
C LEU A 171 -33.08 -1.11 -3.37
N SER A 172 -32.14 -1.93 -3.91
CA SER A 172 -32.47 -2.89 -4.99
C SER A 172 -33.37 -3.98 -4.43
N GLU A 173 -33.15 -4.39 -3.17
CA GLU A 173 -33.99 -5.39 -2.46
C GLU A 173 -35.40 -4.86 -2.20
N GLU A 174 -35.49 -3.57 -1.83
CA GLU A 174 -36.77 -2.90 -1.55
C GLU A 174 -37.57 -2.78 -2.84
N LEU A 175 -36.91 -2.38 -3.95
CA LEU A 175 -37.61 -2.29 -5.26
C LEU A 175 -38.11 -3.66 -5.68
N PHE A 176 -37.32 -4.74 -5.43
CA PHE A 176 -37.75 -6.10 -5.79
C PHE A 176 -38.98 -6.51 -4.94
N ASN A 177 -38.95 -6.26 -3.61
CA ASN A 177 -40.07 -6.52 -2.71
C ASN A 177 -41.34 -5.77 -3.18
N CYS A 178 -41.21 -4.50 -3.65
CA CYS A 178 -42.31 -3.70 -4.20
C CYS A 178 -42.88 -4.37 -5.44
N SER A 179 -42.00 -4.85 -6.35
CA SER A 179 -42.40 -5.47 -7.64
C SER A 179 -43.30 -6.72 -7.49
N LYS A 180 -43.18 -7.47 -6.40
CA LYS A 180 -43.93 -8.71 -6.13
C LYS A 180 -45.46 -8.52 -6.00
N GLU A 181 -45.90 -7.34 -5.57
CA GLU A 181 -47.29 -6.94 -5.38
C GLU A 181 -47.97 -6.63 -6.68
N ILE A 182 -47.20 -6.37 -7.73
CA ILE A 182 -47.78 -5.94 -9.00
C ILE A 182 -48.18 -7.15 -9.84
N PRO A 183 -49.45 -7.25 -10.29
CA PRO A 183 -49.82 -8.39 -11.16
C PRO A 183 -49.24 -8.21 -12.55
N ASN A 184 -48.91 -9.35 -13.21
CA ASN A 184 -48.36 -9.46 -14.57
C ASN A 184 -47.17 -8.52 -14.76
N PHE A 185 -46.24 -8.58 -13.81
CA PHE A 185 -45.06 -7.71 -13.79
C PHE A 185 -43.79 -8.54 -13.63
N PRO A 186 -43.32 -9.23 -14.71
CA PRO A 186 -42.11 -10.07 -14.60
C PRO A 186 -40.90 -9.24 -14.19
N THR A 187 -40.28 -9.61 -13.06
CA THR A 187 -39.18 -8.84 -12.46
C THR A 187 -38.10 -9.76 -12.01
N LEU A 188 -36.87 -9.24 -12.05
CA LEU A 188 -35.66 -9.94 -11.76
C LEU A 188 -34.60 -8.97 -11.26
N VAL A 189 -33.77 -9.43 -10.32
CA VAL A 189 -32.60 -8.68 -9.84
C VAL A 189 -31.39 -9.37 -10.51
N GLY A 190 -30.58 -8.60 -11.25
CA GLY A 190 -29.41 -9.16 -11.92
C GLY A 190 -28.43 -8.10 -12.36
N HIS A 191 -27.26 -8.51 -12.90
CA HIS A 191 -26.27 -7.53 -13.34
C HIS A 191 -26.68 -6.92 -14.67
N THR A 192 -26.23 -5.69 -14.89
CA THR A 192 -26.51 -4.91 -16.09
C THR A 192 -25.18 -4.52 -16.71
N MET A 193 -25.02 -4.80 -18.00
CA MET A 193 -23.81 -4.43 -18.72
C MET A 193 -24.05 -3.11 -19.47
N CYS A 194 -23.15 -2.18 -19.25
CA CYS A 194 -23.18 -0.85 -19.88
C CYS A 194 -22.11 -0.80 -20.96
N THR A 195 -22.50 -0.38 -22.17
CA THR A 195 -21.59 -0.29 -23.34
C THR A 195 -21.59 1.16 -23.91
N TYR A 196 -20.61 1.47 -24.77
CA TYR A 196 -20.46 2.79 -25.40
C TYR A 196 -21.04 2.80 -26.80
N ASP A 197 -21.37 1.61 -27.30
CA ASP A 197 -21.89 1.46 -28.65
C ASP A 197 -23.06 0.49 -28.60
N PHE A 198 -24.12 0.83 -29.32
CA PHE A 198 -25.35 0.04 -29.39
C PHE A 198 -25.17 -1.20 -30.30
N TYR A 199 -24.41 -1.04 -31.38
CA TYR A 199 -24.26 -2.04 -32.42
C TYR A 199 -23.08 -2.98 -32.19
N GLU A 200 -21.86 -2.61 -32.56
CA GLU A 200 -20.67 -3.45 -32.36
C GLU A 200 -20.38 -3.66 -30.89
N GLY A 201 -20.65 -2.65 -30.08
CA GLY A 201 -20.48 -2.69 -28.63
C GLY A 201 -21.39 -3.62 -27.88
N GLN A 202 -22.49 -4.10 -28.49
CA GLN A 202 -23.41 -5.03 -27.80
C GLN A 202 -23.46 -6.37 -28.55
N GLY A 203 -22.55 -6.54 -29.49
CA GLY A 203 -22.49 -7.76 -30.28
C GLY A 203 -23.61 -7.89 -31.30
N ARG A 204 -24.11 -6.77 -31.80
CA ARG A 204 -25.16 -6.82 -32.82
C ARG A 204 -24.58 -7.10 -34.21
N LEU A 205 -25.33 -7.86 -35.02
CA LEU A 205 -24.90 -8.24 -36.36
C LEU A 205 -25.54 -7.35 -37.43
N ASP A 206 -26.40 -6.38 -37.03
CA ASP A 206 -27.16 -5.52 -37.94
C ASP A 206 -26.69 -4.04 -38.01
N GLY A 207 -25.47 -3.75 -37.57
CA GLY A 207 -24.93 -2.39 -37.67
C GLY A 207 -24.34 -2.08 -39.03
N ALA A 208 -23.81 -0.85 -39.23
CA ALA A 208 -23.11 -0.47 -40.47
C ALA A 208 -21.78 -1.22 -40.58
N LEU A 209 -21.19 -1.54 -39.41
CA LEU A 209 -19.94 -2.27 -39.33
C LEU A 209 -20.13 -3.54 -38.46
N CYS A 210 -19.48 -4.65 -38.84
CA CYS A 210 -19.46 -5.92 -38.10
C CYS A 210 -18.32 -6.80 -38.63
N SER A 211 -17.28 -6.97 -37.82
CA SER A 211 -16.09 -7.75 -38.14
C SER A 211 -16.08 -9.13 -37.45
N PHE A 212 -17.07 -9.41 -36.57
CA PHE A 212 -17.17 -10.66 -35.83
C PHE A 212 -18.30 -11.54 -36.37
N SER A 213 -18.34 -12.79 -35.95
CA SER A 213 -19.30 -13.77 -36.41
C SER A 213 -20.46 -13.94 -35.43
N ARG A 214 -21.57 -14.58 -35.87
CA ARG A 214 -22.74 -14.89 -35.03
C ARG A 214 -22.30 -15.76 -33.83
N GLU A 215 -21.39 -16.72 -34.08
CA GLU A 215 -20.85 -17.63 -33.08
C GLU A 215 -20.05 -16.87 -32.02
N LYS A 216 -19.24 -15.88 -32.43
CA LYS A 216 -18.43 -15.07 -31.54
C LYS A 216 -19.33 -14.21 -30.64
N LYS A 217 -20.39 -13.59 -31.21
CA LYS A 217 -21.34 -12.77 -30.45
C LYS A 217 -22.12 -13.66 -29.47
N LEU A 218 -22.57 -14.88 -29.89
CA LEU A 218 -23.33 -15.79 -29.02
C LEU A 218 -22.47 -16.30 -27.87
N ASP A 219 -21.20 -16.59 -28.14
CA ASP A 219 -20.27 -17.02 -27.10
C ASP A 219 -20.09 -15.88 -26.08
N TYR A 220 -19.98 -14.64 -26.58
CA TYR A 220 -19.82 -13.46 -25.75
C TYR A 220 -21.03 -13.28 -24.82
N LEU A 221 -22.25 -13.33 -25.39
CA LEU A 221 -23.50 -13.15 -24.65
C LEU A 221 -23.71 -14.22 -23.58
N LYS A 222 -23.35 -15.49 -23.90
CA LYS A 222 -23.41 -16.64 -22.99
C LYS A 222 -22.41 -16.50 -21.83
N ARG A 223 -21.24 -15.91 -22.10
CA ARG A 223 -20.22 -15.67 -21.07
C ARG A 223 -20.71 -14.55 -20.15
N ALA A 224 -21.40 -13.55 -20.73
CA ALA A 224 -22.03 -12.45 -19.98
C ALA A 224 -23.12 -13.01 -19.08
N PHE A 225 -23.96 -13.91 -19.61
CA PHE A 225 -25.00 -14.57 -18.82
C PHE A 225 -24.36 -15.31 -17.62
N LYS A 226 -23.27 -16.07 -17.89
CA LYS A 226 -22.50 -16.83 -16.89
C LYS A 226 -21.91 -15.94 -15.80
N ALA A 227 -21.43 -14.74 -16.18
CA ALA A 227 -20.89 -13.77 -15.23
C ALA A 227 -22.03 -13.07 -14.40
N GLY A 228 -23.30 -13.42 -14.67
CA GLY A 228 -24.48 -12.89 -13.99
C GLY A 228 -25.23 -11.75 -14.68
N VAL A 229 -24.85 -11.44 -15.95
CA VAL A 229 -25.45 -10.34 -16.72
C VAL A 229 -26.80 -10.78 -17.29
N ARG A 230 -27.83 -9.97 -17.06
CA ARG A 230 -29.18 -10.27 -17.50
C ARG A 230 -29.73 -9.24 -18.48
N ASN A 231 -29.15 -8.03 -18.52
CA ASN A 231 -29.56 -7.00 -19.47
C ASN A 231 -28.39 -6.08 -19.84
N ILE A 232 -28.54 -5.41 -21.00
CA ILE A 232 -27.52 -4.55 -21.58
C ILE A 232 -28.13 -3.22 -21.90
N GLU A 233 -27.50 -2.13 -21.45
CA GLU A 233 -27.98 -0.79 -21.75
C GLU A 233 -26.76 0.16 -21.91
N MET A 234 -26.96 1.48 -21.86
CA MET A 234 -25.83 2.36 -22.17
C MET A 234 -25.55 3.50 -21.18
N GLU A 235 -26.06 3.44 -19.93
CA GLU A 235 -25.82 4.56 -18.99
C GLU A 235 -25.52 4.14 -17.55
N SER A 236 -25.74 2.87 -17.20
CA SER A 236 -25.68 2.39 -15.83
C SER A 236 -24.37 2.58 -15.07
N THR A 237 -23.21 2.36 -15.70
CA THR A 237 -21.91 2.41 -14.97
C THR A 237 -21.53 3.84 -14.53
N VAL A 238 -21.64 4.83 -15.43
CA VAL A 238 -21.33 6.21 -15.06
C VAL A 238 -22.39 6.72 -14.03
N PHE A 239 -23.64 6.26 -14.18
CA PHE A 239 -24.72 6.65 -13.29
C PHE A 239 -24.40 6.16 -11.89
N ALA A 240 -24.10 4.86 -11.75
CA ALA A 240 -23.80 4.23 -10.45
C ALA A 240 -22.56 4.83 -9.82
N ALA A 241 -21.50 5.05 -10.63
CA ALA A 241 -20.23 5.62 -10.16
C ALA A 241 -20.36 7.05 -9.64
N MET A 242 -21.10 7.92 -10.32
CA MET A 242 -21.20 9.34 -9.92
C MET A 242 -22.11 9.54 -8.71
N CYS A 243 -23.29 8.89 -8.72
CA CYS A 243 -24.31 9.02 -7.67
C CYS A 243 -23.83 8.49 -6.32
N GLY A 244 -23.25 7.29 -6.29
CA GLY A 244 -22.75 6.68 -5.05
C GLY A 244 -21.73 7.54 -4.32
N LEU A 245 -20.78 8.08 -5.10
CA LEU A 245 -19.71 8.97 -4.68
C LEU A 245 -20.21 10.33 -4.15
N CYS A 246 -21.43 10.79 -4.58
CA CYS A 246 -21.94 12.10 -4.22
C CYS A 246 -23.15 12.12 -3.24
N GLY A 247 -23.34 11.07 -2.46
CA GLY A 247 -24.39 10.99 -1.46
C GLY A 247 -25.80 10.68 -1.95
N LEU A 248 -25.92 10.13 -3.17
CA LEU A 248 -27.23 9.73 -3.71
C LEU A 248 -27.38 8.21 -3.63
N LYS A 249 -28.57 7.72 -3.19
CA LYS A 249 -28.83 6.29 -3.18
C LYS A 249 -29.44 5.97 -4.55
N ALA A 250 -28.66 5.26 -5.38
CA ALA A 250 -29.00 5.00 -6.77
C ALA A 250 -29.53 3.59 -7.02
N ALA A 251 -30.39 3.49 -8.05
CA ALA A 251 -30.97 2.26 -8.57
C ALA A 251 -31.20 2.38 -10.06
N VAL A 252 -31.17 1.24 -10.77
CA VAL A 252 -31.39 1.14 -12.23
C VAL A 252 -32.49 0.10 -12.43
N VAL A 253 -33.61 0.52 -13.05
CA VAL A 253 -34.80 -0.29 -13.32
C VAL A 253 -35.08 -0.22 -14.83
N CYS A 254 -34.68 -1.25 -15.58
CA CYS A 254 -34.87 -1.27 -17.03
C CYS A 254 -35.72 -2.43 -17.47
N VAL A 255 -36.58 -2.17 -18.44
CA VAL A 255 -37.40 -3.19 -19.05
C VAL A 255 -36.60 -3.73 -20.27
N THR A 256 -36.72 -5.05 -20.58
CA THR A 256 -36.05 -5.62 -21.76
C THR A 256 -37.01 -5.61 -22.95
N LEU A 257 -36.50 -5.27 -24.14
CA LEU A 257 -37.33 -5.17 -25.34
C LEU A 257 -37.20 -6.40 -26.25
N LEU A 258 -36.21 -7.24 -25.97
CA LEU A 258 -35.88 -8.42 -26.75
C LEU A 258 -34.88 -9.26 -25.98
N ASP A 259 -34.73 -10.52 -26.37
CA ASP A 259 -33.72 -11.42 -25.83
C ASP A 259 -32.64 -11.49 -26.90
N ARG A 260 -31.44 -11.02 -26.55
CA ARG A 260 -30.28 -10.95 -27.43
C ARG A 260 -29.73 -12.33 -27.83
N LEU A 261 -30.10 -13.39 -27.09
CA LEU A 261 -29.72 -14.77 -27.44
C LEU A 261 -30.52 -15.28 -28.66
N ASP A 262 -31.56 -14.50 -29.11
CA ASP A 262 -32.41 -14.76 -30.27
C ASP A 262 -32.25 -13.74 -31.41
N CYS A 263 -32.16 -12.42 -31.12
CA CYS A 263 -32.09 -11.39 -32.19
C CYS A 263 -31.39 -10.08 -31.77
N ASP A 264 -31.18 -9.20 -32.77
CA ASP A 264 -30.53 -7.89 -32.59
C ASP A 264 -31.48 -6.72 -32.90
N GLN A 265 -32.47 -6.95 -33.76
CA GLN A 265 -33.42 -5.94 -34.18
C GLN A 265 -34.63 -5.94 -33.27
N ILE A 266 -35.05 -4.74 -32.85
CA ILE A 266 -36.24 -4.58 -32.01
C ILE A 266 -37.43 -4.52 -32.98
N ASN A 267 -38.26 -5.56 -32.93
CA ASN A 267 -39.41 -5.72 -33.79
C ASN A 267 -40.60 -6.15 -32.95
N LEU A 268 -41.29 -5.15 -32.37
CA LEU A 268 -42.44 -5.37 -31.49
C LEU A 268 -43.67 -4.61 -31.97
N PRO A 269 -44.90 -5.15 -31.78
CA PRO A 269 -46.10 -4.36 -32.12
C PRO A 269 -46.17 -3.12 -31.23
N HIS A 270 -46.57 -1.95 -31.81
CA HIS A 270 -46.64 -0.65 -31.14
C HIS A 270 -47.22 -0.70 -29.71
N ASP A 271 -48.33 -1.42 -29.50
CA ASP A 271 -48.99 -1.49 -28.20
C ASP A 271 -48.19 -2.32 -27.18
N VAL A 272 -47.39 -3.29 -27.65
CA VAL A 272 -46.53 -4.13 -26.81
C VAL A 272 -45.32 -3.28 -26.40
N LEU A 273 -44.76 -2.52 -27.35
CA LEU A 273 -43.62 -1.65 -27.05
C LEU A 273 -44.01 -0.61 -25.98
N VAL A 274 -45.21 0.01 -26.12
CA VAL A 274 -45.71 1.04 -25.21
C VAL A 274 -45.92 0.44 -23.81
N GLU A 275 -46.52 -0.78 -23.74
CA GLU A 275 -46.75 -1.48 -22.47
C GLU A 275 -45.43 -1.74 -21.73
N TYR A 276 -44.43 -2.29 -22.45
CA TYR A 276 -43.10 -2.61 -21.91
C TYR A 276 -42.44 -1.34 -21.41
N GLN A 277 -42.46 -0.27 -22.25
CA GLN A 277 -41.88 1.03 -21.93
C GLN A 277 -42.43 1.62 -20.63
N GLN A 278 -43.74 1.38 -20.33
CA GLN A 278 -44.41 1.87 -19.13
C GLN A 278 -44.25 0.96 -17.90
N ARG A 279 -43.54 -0.20 -18.01
CA ARG A 279 -43.39 -1.07 -16.84
C ARG A 279 -42.45 -0.49 -15.78
N PRO A 280 -41.25 0.07 -16.07
CA PRO A 280 -40.42 0.64 -15.00
C PRO A 280 -41.14 1.74 -14.16
N GLN A 281 -41.97 2.60 -14.78
CA GLN A 281 -42.68 3.69 -14.06
C GLN A 281 -43.71 3.16 -13.06
N LEU A 282 -44.33 1.98 -13.34
CA LEU A 282 -45.27 1.32 -12.43
C LEU A 282 -44.53 0.92 -11.15
N LEU A 283 -43.32 0.37 -11.29
CA LEU A 283 -42.57 -0.02 -10.11
C LEU A 283 -42.14 1.24 -9.29
N ILE A 284 -41.61 2.27 -9.95
CA ILE A 284 -41.16 3.51 -9.29
C ILE A 284 -42.35 4.18 -8.53
N SER A 285 -43.53 4.23 -9.17
CA SER A 285 -44.76 4.77 -8.56
C SER A 285 -45.07 4.01 -7.25
N ASN A 286 -45.06 2.65 -7.31
CA ASN A 286 -45.29 1.77 -6.15
C ASN A 286 -44.28 2.08 -5.06
N PHE A 287 -43.01 2.18 -5.44
CA PHE A 287 -41.92 2.45 -4.53
C PHE A 287 -42.06 3.83 -3.84
N ILE A 288 -42.33 4.91 -4.62
CA ILE A 288 -42.45 6.28 -4.10
C ILE A 288 -43.68 6.36 -3.16
N ARG A 289 -44.82 5.78 -3.60
CA ARG A 289 -46.08 5.74 -2.84
C ARG A 289 -45.87 5.02 -1.53
N ARG A 290 -45.11 3.90 -1.52
CA ARG A 290 -44.79 3.18 -0.27
C ARG A 290 -43.89 4.08 0.62
N ARG A 291 -42.83 4.70 0.04
CA ARG A 291 -41.91 5.56 0.79
C ARG A 291 -42.62 6.75 1.46
N LEU A 292 -43.63 7.33 0.77
CA LEU A 292 -44.37 8.50 1.26
C LEU A 292 -45.61 8.15 2.12
N GLY A 293 -45.89 6.86 2.30
CA GLY A 293 -47.04 6.39 3.06
C GLY A 293 -48.37 6.60 2.35
N LEU A 294 -48.33 6.69 0.99
CA LEU A 294 -49.52 6.86 0.15
C LEU A 294 -50.05 5.50 -0.26
N ARG B 2 -13.37 -2.71 -4.27
CA ARG B 2 -12.60 -1.99 -3.24
C ARG B 2 -11.24 -1.61 -3.83
N PHE B 3 -11.11 -0.36 -4.30
CA PHE B 3 -9.88 0.16 -4.92
C PHE B 3 -8.81 0.53 -3.92
N VAL B 4 -7.54 0.20 -4.25
CA VAL B 4 -6.37 0.55 -3.43
C VAL B 4 -6.13 2.03 -3.66
N HIS B 5 -6.08 2.81 -2.58
CA HIS B 5 -5.94 4.26 -2.60
C HIS B 5 -4.88 4.76 -1.62
N VAL B 6 -4.25 5.86 -1.97
CA VAL B 6 -3.30 6.55 -1.09
C VAL B 6 -4.12 7.52 -0.22
N LYS B 7 -3.52 8.07 0.83
CA LYS B 7 -4.13 9.11 1.67
C LYS B 7 -3.16 10.26 1.65
N ASN B 8 -2.99 10.82 0.47
CA ASN B 8 -2.05 11.89 0.21
C ASN B 8 -2.60 12.76 -0.91
N PRO B 9 -3.09 13.99 -0.58
CA PRO B 9 -3.67 14.86 -1.61
C PRO B 9 -2.69 15.44 -2.61
N TYR B 10 -1.38 15.40 -2.31
CA TYR B 10 -0.31 15.93 -3.15
C TYR B 10 0.10 15.00 -4.29
N LEU B 11 -0.04 13.67 -4.10
CA LEU B 11 0.45 12.66 -5.05
C LEU B 11 -0.07 12.83 -6.49
N ASP B 12 -1.40 12.92 -6.68
CA ASP B 12 -2.03 13.06 -8.01
C ASP B 12 -1.68 14.39 -8.70
N LEU B 13 -1.21 15.39 -7.93
CA LEU B 13 -0.83 16.71 -8.44
C LEU B 13 0.58 16.71 -9.06
N MET B 14 1.35 15.61 -8.91
CA MET B 14 2.70 15.47 -9.47
C MET B 14 2.63 15.04 -10.92
N ASP B 15 3.64 15.40 -11.72
CA ASP B 15 3.69 15.03 -13.13
C ASP B 15 3.97 13.53 -13.27
N GLU B 16 4.96 13.03 -12.51
CA GLU B 16 5.34 11.64 -12.48
C GLU B 16 5.64 11.20 -11.05
N ASP B 17 5.55 9.89 -10.79
CA ASP B 17 5.89 9.33 -9.50
C ASP B 17 7.04 8.36 -9.68
N ILE B 18 8.17 8.64 -9.02
CA ILE B 18 9.33 7.77 -9.09
C ILE B 18 9.39 6.94 -7.79
N LEU B 19 9.17 5.62 -7.92
CA LEU B 19 9.25 4.67 -6.83
C LEU B 19 10.73 4.28 -6.76
N TYR B 20 11.52 5.18 -6.15
CA TYR B 20 12.97 5.11 -6.05
C TYR B 20 13.51 3.77 -5.59
N HIS B 21 13.01 3.24 -4.46
CA HIS B 21 13.54 1.99 -3.91
C HIS B 21 13.05 0.74 -4.68
N LEU B 22 11.89 0.79 -5.32
CA LEU B 22 11.40 -0.34 -6.13
C LEU B 22 12.01 -0.27 -7.55
N ASP B 23 12.54 0.91 -7.92
CA ASP B 23 13.17 1.23 -9.21
C ASP B 23 12.12 1.12 -10.34
N LEU B 24 10.91 1.57 -10.05
CA LEU B 24 9.78 1.62 -11.01
C LEU B 24 9.26 3.06 -11.06
N GLY B 25 8.47 3.39 -12.05
CA GLY B 25 7.94 4.74 -12.20
C GLY B 25 6.73 4.79 -13.10
N THR B 26 5.90 5.83 -12.93
CA THR B 26 4.67 6.04 -13.73
C THR B 26 5.00 6.41 -15.20
N LYS B 27 6.17 7.03 -15.44
CA LYS B 27 6.64 7.42 -16.78
C LYS B 27 7.38 6.29 -17.49
N THR B 28 8.29 5.62 -16.77
CA THR B 28 9.15 4.56 -17.30
C THR B 28 8.43 3.23 -17.42
N HIS B 29 7.36 2.99 -16.65
CA HIS B 29 6.64 1.72 -16.70
C HIS B 29 5.14 1.87 -16.87
N ASN B 30 4.49 0.83 -17.39
CA ASN B 30 3.05 0.78 -17.54
C ASN B 30 2.51 -0.02 -16.36
N LEU B 31 2.36 0.64 -15.20
CA LEU B 31 1.92 0.03 -13.95
C LEU B 31 0.51 -0.59 -14.06
N PRO B 32 -0.53 0.01 -14.70
CA PRO B 32 -1.81 -0.70 -14.86
C PRO B 32 -1.67 -2.03 -15.62
N ALA B 33 -0.75 -2.10 -16.62
CA ALA B 33 -0.57 -3.35 -17.37
C ALA B 33 0.23 -4.36 -16.58
N MET B 34 1.28 -3.91 -15.89
CA MET B 34 2.10 -4.84 -15.12
C MET B 34 1.40 -5.37 -13.87
N PHE B 35 0.50 -4.58 -13.23
CA PHE B 35 -0.04 -5.03 -11.94
C PHE B 35 -1.56 -4.91 -11.74
N GLY B 36 -2.31 -4.37 -12.71
CA GLY B 36 -3.76 -4.22 -12.59
C GLY B 36 -4.55 -5.46 -12.19
N ASP B 37 -4.07 -6.66 -12.58
CA ASP B 37 -4.75 -7.93 -12.26
C ASP B 37 -4.34 -8.52 -10.88
N VAL B 38 -3.38 -7.88 -10.14
CA VAL B 38 -2.93 -8.39 -8.83
C VAL B 38 -4.09 -8.38 -7.80
N LYS B 39 -4.26 -9.49 -7.05
CA LYS B 39 -5.29 -9.66 -6.03
C LYS B 39 -4.67 -10.14 -4.71
N PHE B 40 -3.52 -10.77 -4.79
CA PHE B 40 -2.87 -11.27 -3.58
C PHE B 40 -1.43 -10.80 -3.57
N VAL B 41 -1.09 -10.02 -2.54
CA VAL B 41 0.28 -9.54 -2.36
C VAL B 41 0.85 -10.29 -1.18
N CYS B 42 1.98 -10.95 -1.38
CA CYS B 42 2.63 -11.70 -0.31
CA CYS B 42 2.62 -11.68 -0.29
C CYS B 42 4.00 -11.12 -0.06
N VAL B 43 4.26 -10.70 1.20
CA VAL B 43 5.52 -10.06 1.56
C VAL B 43 6.26 -10.86 2.66
N GLY B 44 7.57 -10.89 2.54
CA GLY B 44 8.48 -11.54 3.47
C GLY B 44 9.82 -10.84 3.38
N GLY B 45 10.64 -11.01 4.40
CA GLY B 45 11.93 -10.34 4.48
C GLY B 45 12.98 -10.76 3.47
N SER B 46 13.08 -12.06 3.25
CA SER B 46 14.13 -12.65 2.43
C SER B 46 13.81 -12.69 0.93
N PRO B 47 14.72 -12.15 0.09
CA PRO B 47 14.55 -12.25 -1.37
C PRO B 47 14.56 -13.71 -1.87
N ASN B 48 15.44 -14.56 -1.31
CA ASN B 48 15.58 -15.97 -1.69
C ASN B 48 14.32 -16.74 -1.35
N ARG B 49 13.75 -16.47 -0.15
CA ARG B 49 12.51 -17.08 0.34
C ARG B 49 11.32 -16.65 -0.52
N MET B 50 11.25 -15.36 -0.90
CA MET B 50 10.15 -14.82 -1.71
C MET B 50 10.21 -15.30 -3.15
N LYS B 51 11.42 -15.53 -3.68
CA LYS B 51 11.60 -16.07 -5.04
C LYS B 51 11.11 -17.52 -5.04
N ALA B 52 11.48 -18.27 -3.98
CA ALA B 52 11.09 -19.66 -3.76
C ALA B 52 9.56 -19.76 -3.56
N PHE B 53 8.96 -18.77 -2.89
CA PHE B 53 7.52 -18.69 -2.67
C PHE B 53 6.79 -18.50 -4.03
N ALA B 54 7.28 -17.58 -4.87
CA ALA B 54 6.67 -17.32 -6.18
C ALA B 54 6.78 -18.55 -7.09
N LEU B 55 7.96 -19.25 -7.11
CA LEU B 55 8.16 -20.48 -7.88
C LEU B 55 7.18 -21.55 -7.40
N PHE B 56 6.97 -21.61 -6.06
CA PHE B 56 6.02 -22.53 -5.44
C PHE B 56 4.57 -22.19 -5.87
N MET B 57 4.15 -20.90 -5.80
CA MET B 57 2.79 -20.49 -6.17
C MET B 57 2.48 -20.73 -7.65
N HIS B 58 3.50 -20.59 -8.53
CA HIS B 58 3.34 -20.82 -9.97
C HIS B 58 2.82 -22.26 -10.20
N LYS B 59 3.46 -23.25 -9.55
CA LYS B 59 3.09 -24.67 -9.59
C LYS B 59 1.71 -24.89 -8.97
N GLU B 60 1.48 -24.35 -7.75
CA GLU B 60 0.21 -24.46 -7.01
C GLU B 60 -0.98 -23.96 -7.82
N LEU B 61 -0.81 -22.84 -8.55
CA LEU B 61 -1.86 -22.22 -9.38
C LEU B 61 -2.10 -22.99 -10.67
N GLY B 62 -1.25 -23.99 -10.95
CA GLY B 62 -1.36 -24.87 -12.11
C GLY B 62 -0.74 -24.37 -13.39
N PHE B 63 0.35 -23.60 -13.32
CA PHE B 63 1.01 -23.10 -14.52
C PHE B 63 2.25 -23.95 -14.90
N GLU B 64 2.87 -23.65 -16.08
CA GLU B 64 4.04 -24.28 -16.70
C GLU B 64 3.85 -25.78 -16.85
N ILE B 70 9.35 -16.72 -13.94
CA ILE B 70 9.57 -15.92 -12.73
C ILE B 70 10.98 -15.28 -12.74
N LYS B 71 10.98 -13.96 -13.00
CA LYS B 71 12.11 -13.04 -13.06
C LYS B 71 11.81 -11.85 -12.14
N ASP B 72 12.85 -11.30 -11.48
CA ASP B 72 12.70 -10.15 -10.61
C ASP B 72 12.30 -8.90 -11.43
N ILE B 73 11.12 -8.34 -11.14
CA ILE B 73 10.59 -7.12 -11.79
C ILE B 73 11.44 -5.93 -11.30
N CYS B 74 12.05 -6.04 -10.10
CA CYS B 74 12.92 -5.03 -9.50
C CYS B 74 14.40 -5.46 -9.62
N ALA B 75 14.78 -6.04 -10.78
CA ALA B 75 16.13 -6.54 -11.07
C ALA B 75 17.20 -5.41 -11.08
N GLY B 76 16.74 -4.17 -11.26
CA GLY B 76 17.59 -2.98 -11.29
C GLY B 76 18.03 -2.49 -9.92
N THR B 77 17.50 -3.09 -8.84
CA THR B 77 17.86 -2.70 -7.47
C THR B 77 18.03 -3.93 -6.58
N ASP B 78 18.96 -3.83 -5.63
CA ASP B 78 19.19 -4.92 -4.68
C ASP B 78 18.44 -4.66 -3.35
N ARG B 79 17.76 -3.50 -3.23
CA ARG B 79 16.96 -3.08 -2.08
C ARG B 79 15.83 -4.10 -1.80
N TYR B 80 15.09 -4.43 -2.84
CA TYR B 80 13.96 -5.33 -2.83
C TYR B 80 13.91 -6.15 -4.10
N CYS B 81 13.24 -7.29 -4.02
CA CYS B 81 13.00 -8.19 -5.14
CA CYS B 81 13.00 -8.18 -5.15
C CYS B 81 11.49 -8.38 -5.29
N MET B 82 11.00 -8.55 -6.53
CA MET B 82 9.56 -8.66 -6.78
C MET B 82 9.25 -9.64 -7.90
N TYR B 83 8.33 -10.59 -7.66
CA TYR B 83 7.93 -11.61 -8.65
C TYR B 83 6.43 -11.67 -8.73
N LYS B 84 5.93 -12.01 -9.92
CA LYS B 84 4.50 -12.08 -10.17
C LYS B 84 4.16 -13.39 -10.87
N THR B 85 3.10 -14.06 -10.38
CA THR B 85 2.60 -15.30 -10.97
C THR B 85 1.08 -15.20 -10.97
N GLY B 86 0.54 -14.84 -12.13
CA GLY B 86 -0.89 -14.59 -12.29
C GLY B 86 -1.35 -13.47 -11.37
N PRO B 87 -2.37 -13.67 -10.52
CA PRO B 87 -2.82 -12.57 -9.65
C PRO B 87 -2.00 -12.45 -8.34
N VAL B 88 -0.88 -13.19 -8.24
CA VAL B 88 -0.08 -13.19 -7.02
C VAL B 88 1.22 -12.37 -7.23
N LEU B 89 1.46 -11.41 -6.32
CA LEU B 89 2.66 -10.60 -6.31
C LEU B 89 3.47 -10.97 -5.06
N ALA B 90 4.74 -11.38 -5.20
CA ALA B 90 5.64 -11.72 -4.10
C ALA B 90 6.72 -10.68 -3.98
N ILE B 91 6.85 -10.03 -2.79
CA ILE B 91 7.87 -8.98 -2.59
C ILE B 91 8.70 -9.21 -1.30
N SER B 92 10.04 -9.00 -1.38
CA SER B 92 10.91 -9.03 -0.21
C SER B 92 10.85 -7.64 0.46
N HIS B 93 11.02 -7.56 1.79
CA HIS B 93 10.90 -6.27 2.49
C HIS B 93 12.04 -5.99 3.47
N GLY B 94 13.11 -6.79 3.46
CA GLY B 94 14.21 -6.65 4.42
C GLY B 94 13.78 -6.89 5.86
N MET B 95 14.51 -6.34 6.84
CA MET B 95 14.16 -6.55 8.25
C MET B 95 13.85 -5.23 8.97
N GLY B 96 12.78 -5.21 9.75
CA GLY B 96 12.41 -4.03 10.51
C GLY B 96 11.36 -3.11 9.92
N ILE B 97 10.72 -2.34 10.80
CA ILE B 97 9.67 -1.35 10.57
C ILE B 97 10.11 -0.33 9.48
N PRO B 98 11.27 0.38 9.57
CA PRO B 98 11.65 1.32 8.48
C PRO B 98 11.81 0.63 7.12
N SER B 99 12.43 -0.56 7.08
CA SER B 99 12.66 -1.28 5.82
C SER B 99 11.33 -1.64 5.18
N ILE B 100 10.40 -2.28 5.92
CA ILE B 100 9.10 -2.63 5.32
C ILE B 100 8.24 -1.35 5.05
N SER B 101 8.38 -0.28 5.85
CA SER B 101 7.55 0.92 5.62
C SER B 101 7.89 1.58 4.28
N ILE B 102 9.16 1.54 3.87
CA ILE B 102 9.60 2.10 2.58
C ILE B 102 8.92 1.32 1.45
N MET B 103 8.99 -0.02 1.53
CA MET B 103 8.38 -0.92 0.56
C MET B 103 6.86 -0.68 0.53
N LEU B 104 6.20 -0.55 1.69
CA LEU B 104 4.75 -0.34 1.75
C LEU B 104 4.32 1.00 1.17
N HIS B 105 5.06 2.09 1.46
CA HIS B 105 4.72 3.38 0.88
C HIS B 105 4.73 3.29 -0.65
N GLU B 106 5.78 2.66 -1.20
CA GLU B 106 5.98 2.56 -2.64
C GLU B 106 5.05 1.56 -3.28
N LEU B 107 4.77 0.44 -2.58
CA LEU B 107 3.86 -0.60 -3.05
C LEU B 107 2.42 -0.10 -3.10
N ILE B 108 1.94 0.61 -2.04
CA ILE B 108 0.58 1.14 -2.01
C ILE B 108 0.43 2.19 -3.14
N LYS B 109 1.46 3.01 -3.39
CA LYS B 109 1.41 3.97 -4.51
C LYS B 109 1.34 3.22 -5.85
N LEU B 110 2.12 2.12 -5.99
CA LEU B 110 2.15 1.30 -7.18
C LEU B 110 0.78 0.69 -7.47
N LEU B 111 0.10 0.14 -6.43
CA LEU B 111 -1.21 -0.51 -6.58
C LEU B 111 -2.31 0.51 -6.91
N HIS B 112 -2.16 1.72 -6.36
CA HIS B 112 -3.02 2.85 -6.62
C HIS B 112 -2.82 3.26 -8.11
N HIS B 113 -1.55 3.46 -8.53
CA HIS B 113 -1.24 3.80 -9.94
C HIS B 113 -1.70 2.70 -10.92
N ALA B 114 -1.66 1.42 -10.50
CA ALA B 114 -2.08 0.28 -11.34
C ALA B 114 -3.61 0.07 -11.34
N ARG B 115 -4.35 0.87 -10.55
CA ARG B 115 -5.82 0.85 -10.40
C ARG B 115 -6.31 -0.53 -9.90
N CYS B 116 -5.54 -1.10 -8.96
CA CYS B 116 -5.82 -2.39 -8.34
C CYS B 116 -7.02 -2.27 -7.41
N CYS B 117 -7.80 -3.36 -7.33
CA CYS B 117 -8.96 -3.47 -6.44
C CYS B 117 -9.02 -4.88 -5.86
N ASP B 118 -9.73 -5.05 -4.72
CA ASP B 118 -9.95 -6.30 -3.98
C ASP B 118 -8.64 -7.04 -3.72
N VAL B 119 -7.66 -6.28 -3.22
CA VAL B 119 -6.31 -6.78 -2.98
C VAL B 119 -6.19 -7.21 -1.53
N THR B 120 -5.72 -8.45 -1.33
CA THR B 120 -5.40 -9.01 -0.02
C THR B 120 -3.88 -8.97 0.12
N ILE B 121 -3.39 -8.47 1.26
CA ILE B 121 -1.94 -8.40 1.47
C ILE B 121 -1.57 -9.24 2.72
N ILE B 122 -0.65 -10.18 2.56
CA ILE B 122 -0.30 -11.06 3.65
C ILE B 122 1.21 -11.06 3.92
N ARG B 123 1.59 -10.78 5.17
CA ARG B 123 2.97 -10.89 5.58
C ARG B 123 3.24 -12.35 5.99
N ILE B 124 4.25 -12.98 5.34
CA ILE B 124 4.66 -14.33 5.67
C ILE B 124 6.12 -14.31 6.17
N GLY B 125 6.33 -14.80 7.36
CA GLY B 125 7.67 -14.83 7.94
C GLY B 125 7.87 -15.76 9.09
N THR B 126 8.92 -15.47 9.84
CA THR B 126 9.37 -16.21 11.01
C THR B 126 9.24 -15.32 12.23
N SER B 127 9.24 -15.91 13.42
CA SER B 127 9.05 -15.16 14.66
C SER B 127 9.55 -16.01 15.83
N GLY B 128 9.58 -15.40 17.01
CA GLY B 128 9.92 -16.12 18.24
C GLY B 128 8.62 -16.41 18.94
N GLY B 129 8.43 -17.64 19.41
CA GLY B 129 7.19 -18.00 20.09
C GLY B 129 7.31 -17.79 21.59
N ILE B 130 6.15 -17.64 22.25
CA ILE B 130 6.10 -17.52 23.71
C ILE B 130 5.15 -18.57 24.22
N GLY B 131 5.68 -19.59 24.89
CA GLY B 131 4.85 -20.64 25.47
C GLY B 131 4.06 -21.45 24.49
N ILE B 132 4.59 -21.63 23.27
CA ILE B 132 4.01 -22.43 22.19
C ILE B 132 5.18 -23.16 21.54
N ALA B 133 4.93 -24.36 21.04
CA ALA B 133 5.94 -25.22 20.41
C ALA B 133 6.62 -24.58 19.21
N PRO B 134 7.96 -24.76 19.06
CA PRO B 134 8.61 -24.30 17.81
C PRO B 134 7.97 -24.95 16.58
N GLY B 135 7.81 -24.17 15.51
CA GLY B 135 7.17 -24.64 14.29
C GLY B 135 5.70 -24.28 14.21
N THR B 136 5.14 -23.65 15.25
CA THR B 136 3.72 -23.26 15.29
C THR B 136 3.53 -22.03 14.40
N VAL B 137 2.44 -22.04 13.60
CA VAL B 137 2.10 -20.93 12.72
C VAL B 137 1.13 -20.05 13.47
N VAL B 138 1.48 -18.77 13.64
CA VAL B 138 0.65 -17.80 14.33
C VAL B 138 0.04 -16.88 13.28
N ILE B 139 -1.30 -16.83 13.29
CA ILE B 139 -2.09 -15.90 12.49
C ILE B 139 -2.38 -14.73 13.42
N THR B 140 -1.89 -13.55 13.06
CA THR B 140 -2.07 -12.39 13.92
C THR B 140 -3.49 -11.83 13.87
N ASP B 141 -4.14 -11.72 15.04
CA ASP B 141 -5.43 -11.05 15.06
C ASP B 141 -5.15 -9.56 15.33
N ILE B 142 -4.31 -9.25 16.36
CA ILE B 142 -3.94 -7.89 16.74
C ILE B 142 -2.43 -7.79 16.93
N ALA B 143 -1.80 -6.84 16.24
CA ALA B 143 -0.37 -6.58 16.38
C ALA B 143 -0.17 -5.56 17.49
N VAL B 144 0.77 -5.84 18.41
CA VAL B 144 1.00 -4.95 19.55
C VAL B 144 2.45 -4.49 19.62
N ASP B 145 2.72 -3.43 20.40
CA ASP B 145 4.06 -2.89 20.58
C ASP B 145 4.75 -3.57 21.79
N SER B 146 5.90 -3.07 22.21
CA SER B 146 6.69 -3.60 23.33
C SER B 146 6.01 -3.49 24.69
N PHE B 147 4.97 -2.63 24.83
CA PHE B 147 4.17 -2.52 26.08
C PHE B 147 2.89 -3.33 25.98
N PHE B 148 2.72 -4.12 24.89
CA PHE B 148 1.56 -4.97 24.63
C PHE B 148 0.33 -4.12 24.25
N LYS B 149 0.57 -2.92 23.71
CA LYS B 149 -0.54 -2.04 23.31
C LYS B 149 -0.82 -2.13 21.81
N PRO B 150 -2.10 -2.26 21.40
CA PRO B 150 -2.42 -2.34 19.96
C PRO B 150 -2.32 -0.96 19.28
N ARG B 151 -1.08 -0.49 19.10
CA ARG B 151 -0.85 0.83 18.49
C ARG B 151 0.48 0.87 17.72
N PHE B 152 0.56 1.77 16.75
CA PHE B 152 1.75 2.04 15.96
C PHE B 152 2.08 3.54 16.11
N GLU B 153 3.16 3.84 16.82
CA GLU B 153 3.60 5.21 17.09
C GLU B 153 4.69 5.60 16.15
N GLN B 154 4.54 6.74 15.50
CA GLN B 154 5.56 7.24 14.60
C GLN B 154 5.67 8.73 14.74
N VAL B 155 6.86 9.26 14.45
CA VAL B 155 7.14 10.68 14.52
C VAL B 155 7.01 11.23 13.10
N ILE B 156 6.02 12.10 12.91
CA ILE B 156 5.73 12.77 11.64
C ILE B 156 6.09 14.20 11.93
N LEU B 157 7.15 14.71 11.27
CA LEU B 157 7.76 16.01 11.54
C LEU B 157 8.18 16.00 13.02
N ASP B 158 7.64 16.91 13.84
CA ASP B 158 7.97 16.99 15.27
C ASP B 158 6.78 16.53 16.15
N ASN B 159 5.87 15.70 15.59
CA ASN B 159 4.69 15.19 16.29
C ASN B 159 4.66 13.67 16.35
N ILE B 160 4.12 13.12 17.44
CA ILE B 160 3.93 11.67 17.54
C ILE B 160 2.50 11.39 17.08
N VAL B 161 2.35 10.51 16.06
CA VAL B 161 1.08 10.11 15.46
C VAL B 161 0.85 8.62 15.79
N THR B 162 -0.30 8.31 16.38
CA THR B 162 -0.65 6.95 16.79
C THR B 162 -1.72 6.41 15.85
N ARG B 163 -1.43 5.26 15.22
CA ARG B 163 -2.35 4.62 14.30
C ARG B 163 -2.72 3.25 14.86
N SER B 164 -3.91 2.75 14.52
CA SER B 164 -4.38 1.46 15.01
C SER B 164 -3.69 0.34 14.21
N THR B 165 -3.58 -0.86 14.81
CA THR B 165 -2.86 -2.02 14.26
C THR B 165 -3.75 -3.27 14.13
N GLU B 166 -5.05 -3.09 13.87
CA GLU B 166 -5.96 -4.21 13.76
C GLU B 166 -5.85 -4.78 12.37
N LEU B 167 -5.76 -6.09 12.28
CA LEU B 167 -5.70 -6.79 11.02
C LEU B 167 -7.14 -7.23 10.69
N ASP B 168 -7.45 -7.46 9.39
CA ASP B 168 -8.82 -7.83 9.01
C ASP B 168 -9.24 -9.11 9.77
N LYS B 169 -10.25 -8.96 10.67
CA LYS B 169 -10.74 -10.02 11.55
C LYS B 169 -11.26 -11.23 10.75
N GLU B 170 -12.12 -10.99 9.75
CA GLU B 170 -12.67 -12.06 8.89
C GLU B 170 -11.58 -12.83 8.15
N LEU B 171 -10.56 -12.12 7.64
CA LEU B 171 -9.46 -12.71 6.89
C LEU B 171 -8.61 -13.66 7.80
N SER B 172 -8.40 -13.26 9.08
CA SER B 172 -7.66 -14.10 10.05
C SER B 172 -8.47 -15.38 10.39
N GLU B 173 -9.82 -15.25 10.50
CA GLU B 173 -10.75 -16.36 10.75
C GLU B 173 -10.73 -17.32 9.58
N GLU B 174 -10.81 -16.78 8.33
CA GLU B 174 -10.76 -17.56 7.08
C GLU B 174 -9.43 -18.32 6.96
N LEU B 175 -8.31 -17.63 7.22
CA LEU B 175 -6.99 -18.25 7.19
C LEU B 175 -6.90 -19.34 8.25
N PHE B 176 -7.46 -19.10 9.45
CA PHE B 176 -7.47 -20.12 10.50
C PHE B 176 -8.27 -21.37 10.04
N ASN B 177 -9.40 -21.17 9.34
CA ASN B 177 -10.25 -22.23 8.80
C ASN B 177 -9.53 -23.03 7.73
N CYS B 178 -8.75 -22.36 6.84
CA CYS B 178 -7.95 -23.03 5.80
C CYS B 178 -6.91 -23.92 6.47
N SER B 179 -6.29 -23.44 7.56
CA SER B 179 -5.23 -24.15 8.27
C SER B 179 -5.71 -25.49 8.86
N LYS B 180 -7.01 -25.61 9.21
CA LYS B 180 -7.58 -26.84 9.81
C LYS B 180 -7.53 -28.02 8.84
N GLU B 181 -7.51 -27.75 7.53
CA GLU B 181 -7.45 -28.78 6.49
C GLU B 181 -6.07 -29.40 6.32
N ILE B 182 -5.00 -28.74 6.82
CA ILE B 182 -3.65 -29.19 6.56
C ILE B 182 -3.14 -30.17 7.64
N PRO B 183 -2.68 -31.38 7.24
CA PRO B 183 -2.14 -32.33 8.24
C PRO B 183 -0.83 -31.83 8.85
N ASN B 184 -0.63 -32.11 10.16
CA ASN B 184 0.56 -31.79 10.93
C ASN B 184 0.98 -30.33 10.69
N PHE B 185 0.02 -29.44 10.89
CA PHE B 185 0.18 -28.01 10.69
C PHE B 185 -0.27 -27.24 11.95
N PRO B 186 0.54 -27.23 13.04
CA PRO B 186 0.09 -26.56 14.28
C PRO B 186 -0.13 -25.06 14.05
N THR B 187 -1.38 -24.59 14.27
CA THR B 187 -1.75 -23.20 14.04
C THR B 187 -2.54 -22.60 15.18
N LEU B 188 -2.46 -21.26 15.35
CA LEU B 188 -3.27 -20.57 16.33
C LEU B 188 -3.45 -19.10 15.92
N VAL B 189 -4.54 -18.50 16.38
CA VAL B 189 -4.81 -17.08 16.22
C VAL B 189 -4.38 -16.45 17.56
N GLY B 190 -3.54 -15.43 17.50
CA GLY B 190 -3.02 -14.79 18.71
C GLY B 190 -2.39 -13.45 18.40
N HIS B 191 -2.03 -12.68 19.46
CA HIS B 191 -1.39 -11.38 19.28
C HIS B 191 0.08 -11.57 18.95
N THR B 192 0.62 -10.63 18.20
CA THR B 192 2.00 -10.59 17.77
C THR B 192 2.61 -9.30 18.26
N MET B 193 3.68 -9.40 19.05
CA MET B 193 4.38 -8.21 19.53
C MET B 193 5.43 -7.85 18.50
N CYS B 194 5.51 -6.57 18.15
CA CYS B 194 6.45 -6.11 17.12
C CYS B 194 7.48 -5.20 17.78
N THR B 195 8.79 -5.44 17.54
CA THR B 195 9.84 -4.63 18.19
C THR B 195 10.81 -4.00 17.16
N TYR B 196 11.59 -3.01 17.61
CA TYR B 196 12.61 -2.33 16.80
C TYR B 196 14.00 -2.95 16.96
N ASP B 197 14.14 -3.93 17.84
CA ASP B 197 15.41 -4.59 18.10
C ASP B 197 15.15 -6.05 18.40
N PHE B 198 15.96 -6.93 17.83
CA PHE B 198 15.87 -8.38 17.91
C PHE B 198 16.40 -8.91 19.23
N TYR B 199 17.44 -8.25 19.77
CA TYR B 199 18.14 -8.72 20.97
C TYR B 199 17.57 -8.11 22.24
N GLU B 200 17.98 -6.92 22.62
CA GLU B 200 17.47 -6.27 23.83
C GLU B 200 15.99 -5.98 23.71
N GLY B 201 15.55 -5.64 22.50
CA GLY B 201 14.15 -5.35 22.18
C GLY B 201 13.22 -6.53 22.36
N GLN B 202 13.76 -7.79 22.41
CA GLN B 202 12.94 -9.01 22.58
C GLN B 202 13.30 -9.79 23.87
N GLY B 203 14.01 -9.15 24.79
CA GLY B 203 14.40 -9.77 26.04
C GLY B 203 15.47 -10.85 25.90
N ARG B 204 16.29 -10.79 24.86
CA ARG B 204 17.34 -11.79 24.67
C ARG B 204 18.56 -11.50 25.58
N LEU B 205 19.22 -12.58 26.01
CA LEU B 205 20.41 -12.55 26.85
C LEU B 205 21.69 -12.75 26.04
N ASP B 206 21.59 -12.93 24.71
CA ASP B 206 22.73 -13.22 23.81
C ASP B 206 23.14 -12.06 22.85
N GLY B 207 22.73 -10.83 23.13
CA GLY B 207 23.12 -9.71 22.30
C GLY B 207 24.49 -9.19 22.69
N ALA B 208 24.96 -8.15 21.99
CA ALA B 208 26.26 -7.52 22.30
C ALA B 208 26.12 -6.71 23.60
N LEU B 209 24.86 -6.34 23.90
CA LEU B 209 24.47 -5.57 25.08
C LEU B 209 23.30 -6.25 25.75
N CYS B 210 23.35 -6.35 27.09
CA CYS B 210 22.29 -6.90 27.94
C CYS B 210 22.49 -6.39 29.34
N SER B 211 21.55 -5.57 29.81
CA SER B 211 21.60 -4.93 31.13
C SER B 211 20.66 -5.58 32.16
N PHE B 212 19.82 -6.53 31.74
CA PHE B 212 18.83 -7.21 32.60
C PHE B 212 19.22 -8.68 32.87
N SER B 213 18.50 -9.32 33.78
CA SER B 213 18.73 -10.72 34.20
C SER B 213 17.76 -11.71 33.52
N ARG B 214 18.02 -13.04 33.69
N ARG B 214 18.01 -13.04 33.64
CA ARG B 214 17.20 -14.16 33.22
CA ARG B 214 17.12 -14.07 33.08
C ARG B 214 15.77 -14.08 33.77
C ARG B 214 15.73 -14.00 33.74
N GLU B 215 15.64 -13.70 35.05
CA GLU B 215 14.37 -13.57 35.78
C GLU B 215 13.55 -12.38 35.27
N LYS B 216 14.20 -11.24 35.01
CA LYS B 216 13.54 -10.05 34.46
C LYS B 216 13.02 -10.34 33.04
N LYS B 217 13.78 -11.08 32.22
CA LYS B 217 13.32 -11.40 30.88
C LYS B 217 12.12 -12.37 30.94
N LEU B 218 12.18 -13.43 31.78
CA LEU B 218 11.08 -14.39 31.93
C LEU B 218 9.82 -13.74 32.51
N ASP B 219 9.96 -12.82 33.50
CA ASP B 219 8.81 -12.10 34.06
C ASP B 219 8.15 -11.26 32.97
N TYR B 220 8.95 -10.57 32.14
CA TYR B 220 8.48 -9.75 31.02
C TYR B 220 7.69 -10.63 29.98
N LEU B 221 8.31 -11.74 29.50
CA LEU B 221 7.73 -12.70 28.55
C LEU B 221 6.46 -13.37 29.10
N LYS B 222 6.41 -13.68 30.42
CA LYS B 222 5.19 -14.25 31.06
C LYS B 222 4.08 -13.20 31.08
N ARG B 223 4.42 -11.91 31.24
CA ARG B 223 3.42 -10.83 31.20
C ARG B 223 2.94 -10.62 29.76
N ALA B 224 3.85 -10.77 28.77
CA ALA B 224 3.49 -10.70 27.34
C ALA B 224 2.46 -11.80 27.02
N PHE B 225 2.74 -13.06 27.42
CA PHE B 225 1.83 -14.20 27.25
C PHE B 225 0.42 -13.90 27.90
N LYS B 226 0.40 -13.36 29.15
CA LYS B 226 -0.86 -13.01 29.85
C LYS B 226 -1.64 -11.91 29.11
N ALA B 227 -0.93 -10.99 28.44
CA ALA B 227 -1.55 -9.93 27.64
C ALA B 227 -2.04 -10.48 26.28
N GLY B 228 -1.81 -11.77 26.01
CA GLY B 228 -2.27 -12.44 24.80
C GLY B 228 -1.24 -12.63 23.70
N VAL B 229 0.02 -12.21 23.96
CA VAL B 229 1.10 -12.32 22.96
C VAL B 229 1.52 -13.80 22.83
N ARG B 230 1.58 -14.30 21.60
CA ARG B 230 2.00 -15.69 21.33
C ARG B 230 3.28 -15.70 20.49
N ASN B 231 3.58 -14.63 19.76
CA ASN B 231 4.85 -14.54 19.00
C ASN B 231 5.36 -13.10 18.92
N ILE B 232 6.66 -12.99 18.63
CA ILE B 232 7.39 -11.73 18.54
C ILE B 232 8.10 -11.64 17.21
N GLU B 233 7.91 -10.52 16.49
CA GLU B 233 8.62 -10.30 15.22
C GLU B 233 8.93 -8.79 15.07
N MET B 234 9.24 -8.32 13.86
CA MET B 234 9.72 -6.96 13.70
C MET B 234 9.04 -6.13 12.59
N GLU B 235 7.88 -6.57 12.07
CA GLU B 235 7.25 -5.76 11.00
C GLU B 235 5.73 -5.58 11.11
N SER B 236 5.05 -6.32 12.00
CA SER B 236 3.58 -6.38 12.03
C SER B 236 2.82 -5.08 12.34
N THR B 237 3.26 -4.24 13.29
CA THR B 237 2.51 -3.02 13.67
C THR B 237 2.40 -2.00 12.50
N VAL B 238 3.54 -1.62 11.89
CA VAL B 238 3.54 -0.69 10.74
C VAL B 238 2.79 -1.32 9.56
N PHE B 239 2.96 -2.64 9.31
CA PHE B 239 2.27 -3.34 8.23
C PHE B 239 0.75 -3.22 8.42
N ALA B 240 0.25 -3.50 9.64
CA ALA B 240 -1.19 -3.43 9.96
C ALA B 240 -1.72 -1.97 9.88
N ALA B 241 -0.95 -1.01 10.41
CA ALA B 241 -1.30 0.42 10.43
C ALA B 241 -1.42 1.00 9.04
N MET B 242 -0.45 0.73 8.16
CA MET B 242 -0.42 1.27 6.81
C MET B 242 -1.46 0.66 5.88
N CYS B 243 -1.54 -0.69 5.84
CA CYS B 243 -2.43 -1.42 4.93
C CYS B 243 -3.91 -1.14 5.26
N GLY B 244 -4.24 -1.04 6.54
CA GLY B 244 -5.61 -0.74 6.96
C GLY B 244 -6.09 0.64 6.56
N LEU B 245 -5.17 1.61 6.49
CA LEU B 245 -5.51 2.98 6.10
C LEU B 245 -5.61 3.15 4.58
N CYS B 246 -5.26 2.13 3.78
CA CYS B 246 -5.19 2.29 2.31
C CYS B 246 -6.03 1.29 1.47
N GLY B 247 -7.07 0.73 2.04
CA GLY B 247 -7.99 -0.18 1.33
C GLY B 247 -7.48 -1.57 1.05
N LEU B 248 -6.52 -2.04 1.87
CA LEU B 248 -5.97 -3.38 1.72
C LEU B 248 -6.43 -4.28 2.88
N LYS B 249 -6.82 -5.52 2.56
CA LYS B 249 -7.22 -6.49 3.59
C LYS B 249 -5.94 -7.20 3.96
N ALA B 250 -5.47 -6.96 5.21
CA ALA B 250 -4.15 -7.39 5.65
C ALA B 250 -4.17 -8.51 6.65
N ALA B 251 -3.14 -9.36 6.54
CA ALA B 251 -2.94 -10.48 7.45
C ALA B 251 -1.45 -10.69 7.74
N VAL B 252 -1.15 -11.26 8.90
CA VAL B 252 0.23 -11.61 9.28
C VAL B 252 0.21 -13.09 9.66
N VAL B 253 1.02 -13.89 8.95
CA VAL B 253 1.12 -15.35 9.14
C VAL B 253 2.61 -15.69 9.35
N CYS B 254 3.01 -15.93 10.61
CA CYS B 254 4.41 -16.20 10.96
C CYS B 254 4.58 -17.54 11.63
N VAL B 255 5.65 -18.25 11.28
CA VAL B 255 6.02 -19.52 11.91
C VAL B 255 6.96 -19.19 13.07
N THR B 256 6.95 -20.01 14.12
CA THR B 256 7.88 -19.79 15.23
C THR B 256 9.07 -20.74 15.04
N LEU B 257 10.26 -20.24 15.36
CA LEU B 257 11.51 -20.94 15.20
C LEU B 257 12.03 -21.46 16.51
N LEU B 258 11.46 -20.97 17.62
CA LEU B 258 11.85 -21.29 18.99
C LEU B 258 10.80 -20.78 19.98
N ASP B 259 10.81 -21.35 21.19
CA ASP B 259 10.00 -20.93 22.33
C ASP B 259 10.92 -20.09 23.20
N ARG B 260 10.64 -18.79 23.29
CA ARG B 260 11.44 -17.82 24.01
C ARG B 260 11.46 -18.03 25.56
N LEU B 261 10.55 -18.86 26.08
CA LEU B 261 10.56 -19.17 27.51
C LEU B 261 11.67 -20.18 27.84
N ASP B 262 12.26 -20.84 26.82
CA ASP B 262 13.34 -21.82 26.94
C ASP B 262 14.71 -21.31 26.46
N CYS B 263 14.78 -20.49 25.39
CA CYS B 263 16.06 -20.03 24.84
C CYS B 263 15.94 -18.74 23.99
N ASP B 264 17.12 -18.25 23.53
CA ASP B 264 17.23 -17.06 22.68
C ASP B 264 17.88 -17.38 21.35
N GLN B 265 18.83 -18.31 21.36
CA GLN B 265 19.57 -18.69 20.16
C GLN B 265 18.75 -19.66 19.32
N ILE B 266 18.79 -19.43 18.00
CA ILE B 266 18.09 -20.28 17.04
C ILE B 266 19.12 -21.34 16.61
N ASN B 267 18.96 -22.52 17.19
CA ASN B 267 19.80 -23.69 16.97
C ASN B 267 18.89 -24.76 16.42
N LEU B 268 18.79 -24.80 15.08
CA LEU B 268 17.92 -25.73 14.38
C LEU B 268 18.66 -26.46 13.27
N PRO B 269 18.43 -27.79 13.16
CA PRO B 269 19.03 -28.54 12.02
C PRO B 269 18.48 -27.93 10.73
N HIS B 270 19.34 -27.72 9.72
CA HIS B 270 19.00 -27.11 8.43
C HIS B 270 17.61 -27.54 7.88
N ASP B 271 17.35 -28.86 7.82
CA ASP B 271 16.11 -29.44 7.29
C ASP B 271 14.87 -29.00 8.09
N VAL B 272 14.99 -28.91 9.42
CA VAL B 272 13.91 -28.48 10.32
C VAL B 272 13.61 -26.99 10.08
N LEU B 273 14.67 -26.15 9.97
CA LEU B 273 14.56 -24.72 9.69
C LEU B 273 13.85 -24.47 8.33
N VAL B 274 14.26 -25.17 7.26
CA VAL B 274 13.66 -25.08 5.93
C VAL B 274 12.18 -25.53 6.01
N GLU B 275 11.89 -26.66 6.72
CA GLU B 275 10.53 -27.13 6.89
C GLU B 275 9.66 -26.06 7.58
N TYR B 276 10.16 -25.46 8.68
CA TYR B 276 9.46 -24.42 9.44
C TYR B 276 9.20 -23.18 8.57
N GLN B 277 10.24 -22.68 7.89
CA GLN B 277 10.15 -21.49 7.03
C GLN B 277 9.11 -21.66 5.90
N GLN B 278 8.83 -22.93 5.50
CA GLN B 278 7.90 -23.24 4.41
C GLN B 278 6.46 -23.42 4.87
N ARG B 279 6.20 -23.50 6.19
CA ARG B 279 4.82 -23.67 6.68
C ARG B 279 3.93 -22.45 6.33
N PRO B 280 4.36 -21.17 6.49
CA PRO B 280 3.44 -20.07 6.13
C PRO B 280 3.00 -20.10 4.66
N GLN B 281 3.89 -20.51 3.72
CA GLN B 281 3.51 -20.61 2.31
C GLN B 281 2.51 -21.75 2.04
N LEU B 282 2.51 -22.82 2.86
CA LEU B 282 1.53 -23.90 2.72
C LEU B 282 0.14 -23.39 3.00
N LEU B 283 -0.03 -22.57 4.05
CA LEU B 283 -1.33 -21.98 4.36
C LEU B 283 -1.79 -20.98 3.25
N ILE B 284 -0.87 -20.15 2.78
CA ILE B 284 -1.16 -19.09 1.80
C ILE B 284 -1.57 -19.72 0.47
N SER B 285 -0.90 -20.81 0.04
CA SER B 285 -1.30 -21.54 -1.18
C SER B 285 -2.72 -22.06 -1.05
N ASN B 286 -3.06 -22.68 0.11
CA ASN B 286 -4.39 -23.21 0.39
C ASN B 286 -5.45 -22.09 0.31
N PHE B 287 -5.16 -20.92 0.91
CA PHE B 287 -6.05 -19.76 0.93
C PHE B 287 -6.30 -19.19 -0.47
N ILE B 288 -5.23 -19.00 -1.27
CA ILE B 288 -5.29 -18.45 -2.63
C ILE B 288 -6.08 -19.40 -3.54
N ARG B 289 -5.80 -20.71 -3.48
N ARG B 289 -5.80 -20.71 -3.47
CA ARG B 289 -6.50 -21.72 -4.30
CA ARG B 289 -6.47 -21.73 -4.27
C ARG B 289 -8.00 -21.73 -3.99
C ARG B 289 -7.98 -21.75 -3.98
N ARG B 290 -8.36 -21.63 -2.71
CA ARG B 290 -9.78 -21.58 -2.26
C ARG B 290 -10.45 -20.27 -2.78
N ARG B 291 -9.74 -19.13 -2.75
CA ARG B 291 -10.28 -17.85 -3.24
C ARG B 291 -10.51 -17.90 -4.77
N LEU B 292 -9.60 -18.55 -5.51
CA LEU B 292 -9.65 -18.69 -6.97
C LEU B 292 -10.49 -19.91 -7.45
N GLY B 293 -10.97 -20.73 -6.52
CA GLY B 293 -11.78 -21.91 -6.81
C GLY B 293 -11.03 -23.08 -7.41
N LEU B 294 -9.69 -23.15 -7.20
CA LEU B 294 -8.85 -24.24 -7.71
C LEU B 294 -8.90 -25.50 -6.83
N ARG C 2 42.91 -0.70 22.32
CA ARG C 2 41.48 -0.51 22.55
C ARG C 2 40.75 -1.73 21.94
N PHE C 3 40.33 -2.65 22.81
CA PHE C 3 39.65 -3.87 22.40
C PHE C 3 38.15 -3.66 22.19
N VAL C 4 37.59 -4.36 21.21
CA VAL C 4 36.15 -4.40 20.96
C VAL C 4 35.59 -5.29 22.06
N HIS C 5 34.64 -4.76 22.83
CA HIS C 5 34.05 -5.52 23.92
C HIS C 5 32.52 -5.51 23.87
N VAL C 6 31.93 -6.49 24.53
CA VAL C 6 30.50 -6.63 24.69
C VAL C 6 30.13 -6.09 26.08
N LYS C 7 28.84 -5.85 26.34
CA LYS C 7 28.38 -5.42 27.66
C LYS C 7 27.23 -6.36 28.03
N ASN C 8 27.59 -7.63 28.18
CA ASN C 8 26.65 -8.71 28.44
C ASN C 8 27.37 -9.83 29.21
N PRO C 9 27.07 -10.00 30.53
CA PRO C 9 27.75 -11.05 31.31
C PRO C 9 27.30 -12.48 30.96
N TYR C 10 26.15 -12.63 30.28
CA TYR C 10 25.64 -13.95 29.90
C TYR C 10 26.42 -14.60 28.76
N LEU C 11 27.02 -13.80 27.89
CA LEU C 11 27.73 -14.30 26.71
C LEU C 11 28.79 -15.35 27.01
N ASP C 12 29.69 -15.09 27.98
CA ASP C 12 30.77 -16.02 28.35
C ASP C 12 30.29 -17.39 28.90
N LEU C 13 29.05 -17.46 29.44
CA LEU C 13 28.48 -18.70 29.98
C LEU C 13 28.02 -19.68 28.89
N MET C 14 27.87 -19.22 27.63
CA MET C 14 27.37 -20.04 26.52
C MET C 14 28.44 -20.98 25.94
N ASP C 15 28.03 -22.23 25.59
CA ASP C 15 28.91 -23.24 24.96
C ASP C 15 29.34 -22.79 23.56
N GLU C 16 28.40 -22.19 22.82
CA GLU C 16 28.62 -21.66 21.48
C GLU C 16 27.76 -20.40 21.28
N ASP C 17 28.23 -19.51 20.39
CA ASP C 17 27.50 -18.30 20.04
C ASP C 17 27.15 -18.40 18.58
N ILE C 18 25.85 -18.45 18.29
CA ILE C 18 25.32 -18.56 16.93
C ILE C 18 24.93 -17.16 16.46
N LEU C 19 25.67 -16.63 15.48
CA LEU C 19 25.38 -15.34 14.85
C LEU C 19 24.40 -15.64 13.73
N TYR C 20 23.16 -15.90 14.11
CA TYR C 20 22.08 -16.38 13.26
C TYR C 20 21.90 -15.58 11.97
N HIS C 21 21.86 -14.25 12.03
CA HIS C 21 21.61 -13.44 10.83
C HIS C 21 22.83 -13.33 9.93
N LEU C 22 24.05 -13.38 10.50
CA LEU C 22 25.28 -13.35 9.71
C LEU C 22 25.61 -14.76 9.18
N ASP C 23 24.95 -15.81 9.74
CA ASP C 23 25.12 -17.24 9.39
C ASP C 23 26.54 -17.71 9.74
N LEU C 24 27.06 -17.19 10.84
CA LEU C 24 28.38 -17.52 11.38
C LEU C 24 28.21 -17.98 12.82
N GLY C 25 29.25 -18.58 13.38
CA GLY C 25 29.23 -19.05 14.75
C GLY C 25 30.59 -19.44 15.25
N THR C 26 30.78 -19.41 16.59
CA THR C 26 32.04 -19.78 17.25
C THR C 26 32.38 -21.28 17.03
N LYS C 27 31.38 -22.17 16.89
CA LYS C 27 31.58 -23.62 16.69
C LYS C 27 31.86 -23.99 15.21
N THR C 28 31.25 -23.29 14.27
CA THR C 28 31.36 -23.57 12.84
C THR C 28 32.47 -22.75 12.18
N HIS C 29 32.96 -21.72 12.88
CA HIS C 29 33.97 -20.84 12.30
C HIS C 29 35.03 -20.46 13.32
N ASN C 30 36.25 -20.25 12.82
CA ASN C 30 37.39 -19.80 13.59
C ASN C 30 37.47 -18.27 13.40
N LEU C 31 36.72 -17.56 14.23
CA LEU C 31 36.57 -16.10 14.20
C LEU C 31 37.91 -15.37 14.44
N PRO C 32 38.82 -15.77 15.38
CA PRO C 32 40.13 -15.09 15.48
C PRO C 32 40.98 -15.22 14.20
N ALA C 33 40.95 -16.38 13.53
CA ALA C 33 41.71 -16.60 12.29
C ALA C 33 41.13 -15.75 11.17
N MET C 34 39.79 -15.76 11.04
CA MET C 34 39.10 -15.02 9.97
C MET C 34 39.12 -13.51 10.15
N PHE C 35 39.00 -13.00 11.40
CA PHE C 35 38.82 -11.55 11.57
C PHE C 35 39.77 -10.83 12.54
N GLY C 36 40.64 -11.54 13.28
CA GLY C 36 41.58 -10.94 14.23
C GLY C 36 42.37 -9.73 13.75
N ASP C 37 42.73 -9.69 12.46
CA ASP C 37 43.54 -8.60 11.90
C ASP C 37 42.69 -7.43 11.29
N VAL C 38 41.36 -7.45 11.51
CA VAL C 38 40.45 -6.41 11.00
C VAL C 38 40.72 -5.11 11.80
N LYS C 39 40.94 -3.99 11.08
CA LYS C 39 41.18 -2.71 11.71
C LYS C 39 40.20 -1.64 11.23
N PHE C 40 39.59 -1.87 10.07
CA PHE C 40 38.64 -0.94 9.46
C PHE C 40 37.38 -1.68 9.09
N VAL C 41 36.24 -1.21 9.60
CA VAL C 41 34.94 -1.81 9.26
C VAL C 41 34.16 -0.76 8.49
N CYS C 42 33.74 -1.11 7.29
N CYS C 42 33.71 -1.11 7.29
CA CYS C 42 32.98 -0.21 6.44
CA CYS C 42 32.96 -0.19 6.47
C CYS C 42 31.60 -0.82 6.22
C CYS C 42 31.60 -0.79 6.20
N VAL C 43 30.55 -0.06 6.58
CA VAL C 43 29.17 -0.55 6.51
C VAL C 43 28.32 0.38 5.66
N GLY C 44 27.46 -0.21 4.85
CA GLY C 44 26.55 0.48 3.95
C GLY C 44 25.32 -0.35 3.73
N GLY C 45 24.26 0.25 3.21
CA GLY C 45 22.99 -0.42 3.01
C GLY C 45 22.96 -1.46 1.90
N SER C 46 23.52 -1.12 0.73
CA SER C 46 23.47 -1.94 -0.48
C SER C 46 24.54 -3.07 -0.57
N PRO C 47 24.09 -4.35 -0.71
CA PRO C 47 25.06 -5.44 -0.94
C PRO C 47 25.93 -5.24 -2.17
N ASN C 48 25.36 -4.70 -3.26
CA ASN C 48 26.08 -4.49 -4.51
C ASN C 48 27.11 -3.38 -4.39
N ARG C 49 26.76 -2.32 -3.63
CA ARG C 49 27.69 -1.19 -3.45
C ARG C 49 28.80 -1.55 -2.48
N MET C 50 28.52 -2.44 -1.52
CA MET C 50 29.52 -2.89 -0.54
C MET C 50 30.47 -3.88 -1.19
N LYS C 51 29.99 -4.68 -2.17
CA LYS C 51 30.86 -5.55 -2.96
C LYS C 51 31.79 -4.68 -3.83
N ALA C 52 31.24 -3.67 -4.53
CA ALA C 52 32.00 -2.73 -5.37
C ALA C 52 33.05 -2.00 -4.52
N PHE C 53 32.69 -1.65 -3.28
CA PHE C 53 33.56 -0.97 -2.32
C PHE C 53 34.77 -1.87 -1.98
N ALA C 54 34.50 -3.16 -1.63
CA ALA C 54 35.54 -4.14 -1.30
C ALA C 54 36.52 -4.34 -2.46
N LEU C 55 35.98 -4.45 -3.69
CA LEU C 55 36.78 -4.60 -4.91
C LEU C 55 37.59 -3.32 -5.14
N PHE C 56 36.96 -2.13 -4.94
CA PHE C 56 37.64 -0.84 -5.04
C PHE C 56 38.79 -0.76 -4.04
N MET C 57 38.56 -1.12 -2.75
CA MET C 57 39.59 -1.10 -1.70
C MET C 57 40.71 -2.09 -1.99
N HIS C 58 40.38 -3.27 -2.55
CA HIS C 58 41.36 -4.28 -2.93
C HIS C 58 42.43 -3.62 -3.87
N LYS C 59 41.98 -2.86 -4.90
CA LYS C 59 42.84 -2.14 -5.84
C LYS C 59 43.60 -0.98 -5.15
N GLU C 60 42.88 -0.15 -4.33
CA GLU C 60 43.45 1.01 -3.60
C GLU C 60 44.60 0.65 -2.68
N LEU C 61 44.50 -0.53 -2.03
CA LEU C 61 45.51 -1.03 -1.10
C LEU C 61 46.67 -1.75 -1.83
N GLY C 62 46.56 -1.84 -3.15
CA GLY C 62 47.56 -2.42 -4.03
C GLY C 62 47.78 -3.91 -3.92
N PHE C 63 46.69 -4.69 -3.86
CA PHE C 63 46.77 -6.15 -3.78
C PHE C 63 46.59 -6.77 -5.16
N LYS C 71 35.00 -12.82 -2.44
CA LYS C 71 33.80 -13.63 -2.18
C LYS C 71 33.11 -13.29 -0.82
N ASP C 72 31.78 -13.36 -0.83
CA ASP C 72 30.92 -13.12 0.33
C ASP C 72 31.14 -14.18 1.44
N ILE C 73 31.53 -13.72 2.64
CA ILE C 73 31.76 -14.55 3.82
C ILE C 73 30.42 -15.07 4.36
N CYS C 74 29.33 -14.31 4.14
CA CYS C 74 27.96 -14.62 4.54
C CYS C 74 27.19 -15.11 3.33
N ALA C 75 27.79 -16.05 2.55
CA ALA C 75 27.20 -16.60 1.32
C ALA C 75 25.94 -17.42 1.60
N GLY C 76 25.86 -17.99 2.80
CA GLY C 76 24.71 -18.79 3.21
C GLY C 76 23.45 -18.01 3.55
N THR C 77 23.52 -16.67 3.60
CA THR C 77 22.36 -15.81 3.90
C THR C 77 22.26 -14.64 2.93
N ASP C 78 21.03 -14.25 2.58
CA ASP C 78 20.81 -13.10 1.72
C ASP C 78 20.47 -11.85 2.56
N ARG C 79 20.48 -11.97 3.91
CA ARG C 79 20.19 -10.85 4.81
C ARG C 79 21.34 -9.84 4.81
N TYR C 80 22.58 -10.33 4.76
CA TYR C 80 23.80 -9.49 4.78
C TYR C 80 24.90 -10.09 3.91
N CYS C 81 25.76 -9.23 3.34
N CYS C 81 25.76 -9.23 3.34
CA CYS C 81 26.93 -9.62 2.58
CA CYS C 81 26.94 -9.60 2.55
C CYS C 81 28.17 -9.16 3.36
C CYS C 81 28.19 -9.09 3.26
N MET C 82 29.28 -9.89 3.25
CA MET C 82 30.52 -9.54 3.97
C MET C 82 31.76 -9.87 3.13
N TYR C 83 32.62 -8.87 2.90
CA TYR C 83 33.87 -9.04 2.13
C TYR C 83 35.03 -8.52 2.93
N LYS C 84 36.17 -9.20 2.81
CA LYS C 84 37.39 -8.86 3.53
C LYS C 84 38.57 -8.70 2.54
N THR C 85 39.28 -7.57 2.62
CA THR C 85 40.45 -7.23 1.81
C THR C 85 41.51 -6.69 2.78
N GLY C 86 42.43 -7.56 3.21
CA GLY C 86 43.46 -7.20 4.17
C GLY C 86 42.87 -6.83 5.51
N PRO C 87 43.16 -5.65 6.09
CA PRO C 87 42.55 -5.30 7.38
C PRO C 87 41.17 -4.64 7.22
N VAL C 88 40.60 -4.64 6.00
CA VAL C 88 39.33 -3.98 5.69
C VAL C 88 38.17 -4.99 5.58
N LEU C 89 37.11 -4.74 6.36
CA LEU C 89 35.90 -5.54 6.32
C LEU C 89 34.77 -4.65 5.83
N ALA C 90 34.11 -5.07 4.73
CA ALA C 90 32.99 -4.38 4.08
C ALA C 90 31.72 -5.15 4.39
N ILE C 91 30.69 -4.49 4.95
CA ILE C 91 29.45 -5.17 5.35
C ILE C 91 28.22 -4.39 4.89
N SER C 92 27.25 -5.10 4.29
CA SER C 92 25.96 -4.50 3.96
C SER C 92 25.07 -4.58 5.21
N HIS C 93 24.12 -3.63 5.41
CA HIS C 93 23.23 -3.68 6.60
C HIS C 93 21.74 -3.46 6.29
N GLY C 94 21.36 -3.45 5.01
CA GLY C 94 19.99 -3.18 4.60
C GLY C 94 19.58 -1.77 4.99
N MET C 95 18.28 -1.52 5.26
CA MET C 95 17.86 -0.15 5.59
C MET C 95 17.10 -0.03 6.92
N GLY C 96 17.44 1.01 7.67
CA GLY C 96 16.77 1.30 8.95
C GLY C 96 17.50 0.85 10.19
N ILE C 97 17.12 1.48 11.34
CA ILE C 97 17.67 1.26 12.68
C ILE C 97 17.54 -0.23 13.09
N PRO C 98 16.38 -0.93 12.93
CA PRO C 98 16.33 -2.35 13.31
C PRO C 98 17.25 -3.22 12.47
N SER C 99 17.35 -2.95 11.17
CA SER C 99 18.18 -3.78 10.28
C SER C 99 19.66 -3.65 10.62
N ILE C 100 20.18 -2.41 10.80
CA ILE C 100 21.57 -2.25 11.14
C ILE C 100 21.82 -2.75 12.61
N SER C 101 20.88 -2.53 13.55
CA SER C 101 21.03 -2.94 14.96
C SER C 101 21.29 -4.45 15.08
N ILE C 102 20.57 -5.29 14.29
CA ILE C 102 20.78 -6.74 14.22
C ILE C 102 22.23 -7.03 13.77
N MET C 103 22.65 -6.42 12.66
CA MET C 103 23.99 -6.57 12.11
C MET C 103 25.05 -6.18 13.16
N LEU C 104 24.87 -5.03 13.83
CA LEU C 104 25.79 -4.51 14.84
C LEU C 104 25.89 -5.42 16.07
N HIS C 105 24.76 -5.96 16.56
CA HIS C 105 24.79 -6.88 17.71
C HIS C 105 25.67 -8.08 17.42
N GLU C 106 25.48 -8.68 16.25
CA GLU C 106 26.23 -9.85 15.82
C GLU C 106 27.66 -9.45 15.39
N LEU C 107 27.86 -8.27 14.77
CA LEU C 107 29.20 -7.84 14.36
C LEU C 107 30.08 -7.54 15.57
N ILE C 108 29.52 -6.91 16.60
CA ILE C 108 30.26 -6.55 17.81
C ILE C 108 30.68 -7.84 18.54
N LYS C 109 29.79 -8.86 18.58
CA LYS C 109 30.11 -10.13 19.21
C LYS C 109 31.23 -10.82 18.45
N LEU C 110 31.12 -10.85 17.11
CA LEU C 110 32.09 -11.42 16.19
C LEU C 110 33.48 -10.84 16.41
N LEU C 111 33.57 -9.50 16.51
CA LEU C 111 34.83 -8.78 16.66
C LEU C 111 35.43 -9.03 18.04
N HIS C 112 34.57 -9.22 19.04
CA HIS C 112 34.98 -9.53 20.40
C HIS C 112 35.52 -10.99 20.47
N HIS C 113 34.83 -11.95 19.81
CA HIS C 113 35.30 -13.35 19.72
C HIS C 113 36.63 -13.42 18.98
N ALA C 114 36.80 -12.58 17.92
CA ALA C 114 38.01 -12.52 17.13
C ALA C 114 39.14 -11.79 17.88
N ARG C 115 38.81 -11.18 19.04
CA ARG C 115 39.71 -10.41 19.94
C ARG C 115 40.35 -9.22 19.18
N CYS C 116 39.55 -8.57 18.30
CA CYS C 116 39.94 -7.41 17.52
C CYS C 116 40.20 -6.21 18.44
N CYS C 117 41.16 -5.37 18.03
CA CYS C 117 41.49 -4.12 18.75
C CYS C 117 41.82 -3.03 17.74
N ASP C 118 41.79 -1.76 18.21
CA ASP C 118 42.03 -0.52 17.44
C ASP C 118 41.19 -0.55 16.14
N VAL C 119 39.92 -0.86 16.28
CA VAL C 119 39.03 -0.94 15.13
C VAL C 119 38.27 0.39 14.98
N THR C 120 38.24 0.87 13.74
CA THR C 120 37.51 2.04 13.27
C THR C 120 36.35 1.50 12.43
N ILE C 121 35.13 1.97 12.71
CA ILE C 121 33.95 1.55 11.94
C ILE C 121 33.33 2.79 11.27
N ILE C 122 33.07 2.73 9.95
CA ILE C 122 32.53 3.87 9.25
C ILE C 122 31.31 3.45 8.45
N ARG C 123 30.20 4.17 8.70
CA ARG C 123 28.99 3.97 7.91
C ARG C 123 29.12 4.84 6.65
N ILE C 124 29.01 4.23 5.49
CA ILE C 124 29.06 4.98 4.24
C ILE C 124 27.70 4.83 3.58
N GLY C 125 27.16 5.93 3.07
CA GLY C 125 25.84 5.85 2.44
C GLY C 125 25.41 7.15 1.81
N THR C 126 24.11 7.21 1.54
CA THR C 126 23.43 8.34 0.94
C THR C 126 22.45 8.93 1.96
N SER C 127 21.99 10.15 1.68
CA SER C 127 21.12 10.94 2.52
C SER C 127 20.54 12.07 1.70
N GLY C 128 19.62 12.81 2.32
CA GLY C 128 19.02 14.00 1.75
C GLY C 128 19.60 15.18 2.50
N GLY C 129 20.02 16.20 1.76
CA GLY C 129 20.59 17.41 2.37
C GLY C 129 19.56 18.47 2.70
N ILE C 130 19.90 19.36 3.62
CA ILE C 130 19.06 20.50 4.00
C ILE C 130 19.90 21.75 3.79
N GLY C 131 19.56 22.54 2.77
CA GLY C 131 20.27 23.78 2.50
C GLY C 131 21.74 23.60 2.11
N ILE C 132 22.07 22.48 1.49
CA ILE C 132 23.42 22.17 0.98
C ILE C 132 23.25 21.55 -0.43
N ALA C 133 24.23 21.75 -1.29
CA ALA C 133 24.17 21.29 -2.68
C ALA C 133 24.14 19.76 -2.82
N PRO C 134 23.34 19.21 -3.80
CA PRO C 134 23.38 17.75 -4.05
C PRO C 134 24.81 17.29 -4.36
N GLY C 135 25.22 16.15 -3.79
CA GLY C 135 26.57 15.62 -3.98
C GLY C 135 27.53 16.00 -2.88
N THR C 136 27.10 16.88 -1.94
CA THR C 136 27.94 17.26 -0.80
C THR C 136 28.08 16.06 0.13
N VAL C 137 29.32 15.80 0.59
CA VAL C 137 29.59 14.72 1.52
C VAL C 137 29.51 15.27 2.94
N VAL C 138 28.71 14.65 3.80
CA VAL C 138 28.60 15.09 5.19
C VAL C 138 29.30 14.08 6.10
N ILE C 139 30.22 14.60 6.92
CA ILE C 139 30.85 13.83 7.99
C ILE C 139 30.05 14.18 9.22
N THR C 140 29.37 13.21 9.82
CA THR C 140 28.53 13.48 10.98
C THR C 140 29.36 13.77 12.24
N ASP C 141 29.07 14.90 12.91
CA ASP C 141 29.68 15.16 14.21
C ASP C 141 28.76 14.58 15.28
N ILE C 142 27.45 14.92 15.24
CA ILE C 142 26.42 14.49 16.19
C ILE C 142 25.20 13.97 15.42
N ALA C 143 24.77 12.72 15.71
CA ALA C 143 23.56 12.13 15.13
C ALA C 143 22.38 12.46 16.04
N VAL C 144 21.29 12.99 15.45
CA VAL C 144 20.12 13.42 16.22
C VAL C 144 18.87 12.73 15.72
N ASP C 145 17.82 12.77 16.54
CA ASP C 145 16.53 12.18 16.19
C ASP C 145 15.65 13.26 15.53
N SER C 146 14.39 12.89 15.24
CA SER C 146 13.39 13.73 14.58
C SER C 146 13.02 15.00 15.37
N PHE C 147 13.44 15.08 16.63
CA PHE C 147 13.22 16.25 17.50
C PHE C 147 14.50 17.07 17.58
N PHE C 148 15.52 16.69 16.79
CA PHE C 148 16.85 17.31 16.67
C PHE C 148 17.66 17.12 17.96
N LYS C 149 17.33 16.06 18.73
CA LYS C 149 18.01 15.79 20.00
C LYS C 149 19.07 14.66 19.86
N PRO C 150 20.25 14.84 20.51
CA PRO C 150 21.30 13.80 20.41
C PRO C 150 20.99 12.58 21.31
N ARG C 151 20.04 11.77 20.88
CA ARG C 151 19.63 10.62 21.66
C ARG C 151 19.16 9.46 20.80
N PHE C 152 19.37 8.25 21.34
CA PHE C 152 18.86 7.02 20.75
C PHE C 152 18.00 6.37 21.81
N GLU C 153 16.67 6.33 21.58
CA GLU C 153 15.72 5.72 22.51
C GLU C 153 15.30 4.35 22.04
N GLN C 154 15.11 3.41 22.97
CA GLN C 154 14.57 2.09 22.66
C GLN C 154 13.84 1.55 23.88
N VAL C 155 12.94 0.60 23.64
CA VAL C 155 12.20 -0.04 24.72
C VAL C 155 12.87 -1.40 24.99
N ILE C 156 13.39 -1.57 26.22
CA ILE C 156 14.07 -2.78 26.67
C ILE C 156 13.22 -3.29 27.82
N LEU C 157 12.60 -4.49 27.63
CA LEU C 157 11.62 -5.08 28.54
C LEU C 157 10.46 -4.05 28.68
N ASP C 158 10.17 -3.53 29.87
CA ASP C 158 9.11 -2.52 29.96
C ASP C 158 9.69 -1.09 30.22
N ASN C 159 11.00 -0.88 29.95
CA ASN C 159 11.66 0.40 30.15
C ASN C 159 12.06 1.09 28.86
N ILE C 160 12.01 2.42 28.90
CA ILE C 160 12.47 3.32 27.84
C ILE C 160 13.91 3.65 28.24
N VAL C 161 14.87 3.25 27.40
CA VAL C 161 16.30 3.45 27.65
C VAL C 161 16.85 4.42 26.62
N THR C 162 17.55 5.49 27.07
CA THR C 162 18.12 6.49 26.18
C THR C 162 19.64 6.43 26.25
N ARG C 163 20.26 6.33 25.08
CA ARG C 163 21.70 6.24 24.89
C ARG C 163 22.20 7.44 24.12
N SER C 164 23.47 7.83 24.35
CA SER C 164 24.10 8.95 23.66
C SER C 164 24.48 8.56 22.25
N THR C 165 24.52 9.54 21.33
CA THR C 165 24.78 9.33 19.91
C THR C 165 26.01 10.11 19.44
N GLU C 166 27.01 10.27 20.30
CA GLU C 166 28.18 11.02 19.89
C GLU C 166 29.12 10.11 19.11
N LEU C 167 29.57 10.61 17.94
CA LEU C 167 30.54 9.92 17.10
C LEU C 167 31.89 10.43 17.52
N ASP C 168 32.98 9.68 17.28
CA ASP C 168 34.32 10.09 17.76
C ASP C 168 34.75 11.42 17.14
N LYS C 169 34.88 12.46 17.97
CA LYS C 169 35.21 13.83 17.57
C LYS C 169 36.50 13.92 16.77
N GLU C 170 37.60 13.30 17.26
CA GLU C 170 38.91 13.32 16.59
C GLU C 170 38.85 12.62 15.26
N LEU C 171 38.09 11.51 15.18
CA LEU C 171 37.95 10.75 13.94
C LEU C 171 37.22 11.60 12.89
N SER C 172 36.14 12.33 13.29
CA SER C 172 35.42 13.18 12.33
C SER C 172 36.32 14.34 11.82
N GLU C 173 37.17 14.91 12.70
CA GLU C 173 38.11 15.98 12.33
C GLU C 173 39.16 15.42 11.39
N GLU C 174 39.65 14.20 11.65
CA GLU C 174 40.64 13.52 10.81
C GLU C 174 40.06 13.21 9.42
N LEU C 175 38.82 12.74 9.37
CA LEU C 175 38.14 12.46 8.10
C LEU C 175 37.96 13.76 7.30
N PHE C 176 37.68 14.88 7.99
CA PHE C 176 37.53 16.19 7.34
C PHE C 176 38.86 16.68 6.78
N ASN C 177 39.97 16.55 7.54
CA ASN C 177 41.29 16.94 7.02
C ASN C 177 41.67 16.10 5.79
N CYS C 178 41.34 14.80 5.76
CA CYS C 178 41.57 13.93 4.60
C CYS C 178 40.81 14.46 3.38
N SER C 179 39.53 14.86 3.57
CA SER C 179 38.63 15.33 2.49
C SER C 179 39.17 16.58 1.76
N LYS C 180 39.95 17.41 2.46
CA LYS C 180 40.55 18.65 1.92
C LYS C 180 41.58 18.36 0.83
N GLU C 181 42.17 17.15 0.85
CA GLU C 181 43.17 16.73 -0.13
C GLU C 181 42.56 16.29 -1.47
N ILE C 182 41.26 15.99 -1.52
CA ILE C 182 40.61 15.47 -2.73
C ILE C 182 40.01 16.61 -3.57
N PRO C 183 40.30 16.66 -4.89
CA PRO C 183 39.69 17.70 -5.73
C PRO C 183 38.23 17.40 -6.03
N ASN C 184 37.42 18.46 -6.20
CA ASN C 184 35.99 18.43 -6.53
C ASN C 184 35.26 17.48 -5.60
N PHE C 185 35.49 17.67 -4.30
CA PHE C 185 34.93 16.82 -3.26
C PHE C 185 34.33 17.71 -2.17
N PRO C 186 33.12 18.31 -2.41
CA PRO C 186 32.56 19.23 -1.41
C PRO C 186 32.17 18.47 -0.15
N THR C 187 32.70 18.90 1.00
CA THR C 187 32.52 18.23 2.27
C THR C 187 32.29 19.18 3.43
N LEU C 188 31.47 18.75 4.38
CA LEU C 188 31.27 19.51 5.62
C LEU C 188 31.09 18.56 6.80
N VAL C 189 31.34 19.09 7.99
CA VAL C 189 31.11 18.41 9.25
C VAL C 189 29.79 19.02 9.75
N GLY C 190 28.76 18.19 9.94
CA GLY C 190 27.43 18.66 10.35
C GLY C 190 26.59 17.62 11.04
N HIS C 191 25.44 18.04 11.63
CA HIS C 191 24.55 17.12 12.32
C HIS C 191 23.75 16.33 11.32
N THR C 192 23.44 15.09 11.67
CA THR C 192 22.69 14.19 10.84
C THR C 192 21.45 13.74 11.60
N MET C 193 20.28 13.93 10.99
CA MET C 193 19.01 13.52 11.57
C MET C 193 18.70 12.08 11.09
N CYS C 194 18.36 11.22 12.04
CA CYS C 194 18.03 9.80 11.80
C CYS C 194 16.53 9.60 12.00
N THR C 195 15.84 9.03 11.01
CA THR C 195 14.39 8.80 11.09
C THR C 195 14.04 7.32 10.92
N TYR C 196 12.87 6.93 11.43
CA TYR C 196 12.37 5.58 11.30
C TYR C 196 11.55 5.39 10.01
N ASP C 197 11.31 6.47 9.25
CA ASP C 197 10.49 6.43 8.04
C ASP C 197 11.09 7.39 7.03
N PHE C 198 11.19 6.96 5.76
CA PHE C 198 11.77 7.74 4.68
C PHE C 198 10.84 8.86 4.14
N TYR C 199 9.52 8.61 4.17
CA TYR C 199 8.52 9.49 3.60
C TYR C 199 8.00 10.48 4.64
N GLU C 200 6.89 10.20 5.32
CA GLU C 200 6.32 11.10 6.33
C GLU C 200 7.35 11.46 7.39
N GLY C 201 8.16 10.46 7.79
CA GLY C 201 9.22 10.62 8.78
C GLY C 201 10.30 11.62 8.41
N GLN C 202 10.45 11.98 7.10
CA GLN C 202 11.46 12.96 6.65
C GLN C 202 10.77 14.18 6.01
N GLY C 203 9.49 14.36 6.32
CA GLY C 203 8.68 15.46 5.81
C GLY C 203 8.45 15.44 4.32
N ARG C 204 8.40 14.25 3.71
CA ARG C 204 8.14 14.16 2.26
C ARG C 204 6.64 14.26 1.98
N LEU C 205 6.27 14.74 0.79
CA LEU C 205 4.88 14.90 0.37
C LEU C 205 4.47 13.86 -0.68
N ASP C 206 5.36 12.91 -1.01
CA ASP C 206 5.14 11.92 -2.06
C ASP C 206 5.01 10.44 -1.57
N GLY C 207 4.61 10.23 -0.32
CA GLY C 207 4.40 8.87 0.19
C GLY C 207 2.98 8.43 -0.03
N ALA C 208 2.62 7.22 0.42
CA ALA C 208 1.26 6.71 0.29
C ALA C 208 0.34 7.40 1.33
N LEU C 209 0.98 8.00 2.35
CA LEU C 209 0.35 8.73 3.42
C LEU C 209 1.08 10.05 3.60
N CYS C 210 0.31 11.14 3.67
CA CYS C 210 0.76 12.50 3.97
C CYS C 210 -0.39 13.27 4.59
N SER C 211 -0.25 13.60 5.88
CA SER C 211 -1.23 14.33 6.67
C SER C 211 -0.73 15.76 7.06
N PHE C 212 0.22 16.33 6.30
CA PHE C 212 0.74 17.67 6.53
C PHE C 212 0.87 18.41 5.20
N SER C 213 1.10 19.72 5.21
CA SER C 213 1.23 20.55 3.99
C SER C 213 2.68 20.88 3.67
N ARG C 214 2.95 21.50 2.49
CA ARG C 214 4.29 21.95 2.12
C ARG C 214 4.82 22.94 3.16
N GLU C 215 3.93 23.85 3.61
CA GLU C 215 4.26 24.87 4.60
C GLU C 215 4.80 24.23 5.90
N LYS C 216 4.12 23.19 6.42
CA LYS C 216 4.54 22.48 7.63
C LYS C 216 5.89 21.79 7.44
N LYS C 217 6.10 21.14 6.28
CA LYS C 217 7.35 20.43 5.96
C LYS C 217 8.52 21.42 5.80
N LEU C 218 8.29 22.54 5.07
CA LEU C 218 9.32 23.56 4.89
C LEU C 218 9.63 24.25 6.21
N ASP C 219 8.63 24.51 7.06
CA ASP C 219 8.87 25.08 8.39
C ASP C 219 9.73 24.11 9.25
N TYR C 220 9.42 22.81 9.22
CA TYR C 220 10.14 21.78 9.98
C TYR C 220 11.62 21.64 9.50
N LEU C 221 11.83 21.56 8.16
CA LEU C 221 13.19 21.42 7.60
C LEU C 221 14.07 22.65 7.89
N LYS C 222 13.48 23.86 7.92
CA LYS C 222 14.17 25.12 8.24
C LYS C 222 14.55 25.14 9.71
N ARG C 223 13.70 24.58 10.58
CA ARG C 223 14.00 24.46 12.01
C ARG C 223 15.08 23.39 12.22
N ALA C 224 15.12 22.36 11.36
CA ALA C 224 16.14 21.30 11.38
C ALA C 224 17.50 21.95 11.04
N PHE C 225 17.54 22.74 9.94
CA PHE C 225 18.72 23.49 9.51
C PHE C 225 19.23 24.40 10.66
N LYS C 226 18.32 25.18 11.30
CA LYS C 226 18.67 26.09 12.40
C LYS C 226 19.28 25.34 13.59
N ALA C 227 18.77 24.14 13.90
CA ALA C 227 19.27 23.27 14.96
C ALA C 227 20.64 22.64 14.58
N GLY C 228 21.08 22.84 13.34
CA GLY C 228 22.38 22.36 12.88
C GLY C 228 22.35 21.13 12.01
N VAL C 229 21.15 20.62 11.68
CA VAL C 229 20.98 19.44 10.81
C VAL C 229 21.31 19.84 9.38
N ARG C 230 22.18 19.07 8.72
CA ARG C 230 22.58 19.30 7.33
C ARG C 230 22.20 18.14 6.41
N ASN C 231 21.99 16.95 6.97
CA ASN C 231 21.57 15.79 6.17
C ASN C 231 20.64 14.87 6.99
N ILE C 232 19.84 14.06 6.28
CA ILE C 232 18.87 13.15 6.87
C ILE C 232 19.09 11.73 6.34
N GLU C 233 19.16 10.73 7.23
CA GLU C 233 19.25 9.34 6.81
C GLU C 233 18.52 8.43 7.83
N MET C 234 18.82 7.12 7.87
CA MET C 234 18.03 6.19 8.69
C MET C 234 18.81 5.20 9.56
N GLU C 235 20.11 5.43 9.80
CA GLU C 235 20.87 4.48 10.62
C GLU C 235 21.83 5.11 11.64
N SER C 236 22.14 6.42 11.52
CA SER C 236 23.20 7.06 12.29
C SER C 236 23.06 7.00 13.82
N THR C 237 21.85 7.15 14.38
CA THR C 237 21.72 7.20 15.85
C THR C 237 22.02 5.88 16.54
N VAL C 238 21.41 4.74 16.10
CA VAL C 238 21.67 3.43 16.70
C VAL C 238 23.14 3.03 16.46
N PHE C 239 23.71 3.41 15.29
CA PHE C 239 25.07 3.10 14.91
C PHE C 239 26.04 3.77 15.90
N ALA C 240 25.88 5.09 16.14
CA ALA C 240 26.68 5.88 17.07
C ALA C 240 26.55 5.34 18.52
N ALA C 241 25.29 5.03 18.94
CA ALA C 241 24.99 4.57 20.30
C ALA C 241 25.62 3.20 20.60
N MET C 242 25.53 2.24 19.66
CA MET C 242 26.05 0.90 19.89
C MET C 242 27.57 0.80 19.80
N CYS C 243 28.17 1.38 18.73
CA CYS C 243 29.62 1.34 18.50
C CYS C 243 30.39 2.08 19.59
N GLY C 244 29.87 3.22 20.04
CA GLY C 244 30.45 4.02 21.12
C GLY C 244 30.59 3.29 22.44
N LEU C 245 29.60 2.47 22.81
CA LEU C 245 29.61 1.71 24.06
C LEU C 245 30.50 0.46 24.01
N CYS C 246 30.88 0.00 22.81
CA CYS C 246 31.55 -1.28 22.69
C CYS C 246 33.00 -1.20 22.19
N GLY C 247 33.67 -0.09 22.46
CA GLY C 247 35.09 0.09 22.12
C GLY C 247 35.41 0.33 20.66
N LEU C 248 34.43 0.78 19.89
CA LEU C 248 34.62 1.10 18.49
C LEU C 248 34.65 2.60 18.29
N LYS C 249 35.55 3.08 17.44
CA LYS C 249 35.67 4.49 17.06
C LYS C 249 34.87 4.60 15.78
N ALA C 250 33.71 5.27 15.87
CA ALA C 250 32.71 5.33 14.80
C ALA C 250 32.62 6.66 14.11
N ALA C 251 32.29 6.61 12.83
CA ALA C 251 32.07 7.79 12.00
C ALA C 251 30.99 7.49 10.96
N VAL C 252 30.25 8.53 10.54
CA VAL C 252 29.20 8.40 9.53
C VAL C 252 29.56 9.38 8.41
N VAL C 253 29.71 8.86 7.19
CA VAL C 253 30.09 9.63 6.02
C VAL C 253 29.03 9.37 4.94
N CYS C 254 28.14 10.36 4.69
CA CYS C 254 27.05 10.22 3.71
C CYS C 254 27.10 11.31 2.65
N VAL C 255 26.78 10.94 1.43
CA VAL C 255 26.67 11.92 0.36
C VAL C 255 25.18 12.30 0.29
N THR C 256 24.87 13.54 -0.12
CA THR C 256 23.48 13.94 -0.29
C THR C 256 23.11 13.75 -1.78
N LEU C 257 21.89 13.30 -2.02
CA LEU C 257 21.40 13.02 -3.37
C LEU C 257 20.48 14.12 -3.88
N LEU C 258 20.05 15.01 -2.98
CA LEU C 258 19.11 16.09 -3.25
C LEU C 258 19.10 17.08 -2.09
N ASP C 259 18.58 18.27 -2.34
CA ASP C 259 18.39 19.30 -1.32
C ASP C 259 16.90 19.30 -1.00
N ARG C 260 16.56 18.85 0.21
CA ARG C 260 15.19 18.66 0.65
C ARG C 260 14.38 19.97 0.75
N LEU C 261 15.06 21.13 0.77
CA LEU C 261 14.39 22.44 0.76
C LEU C 261 13.82 22.70 -0.66
N ASP C 262 14.15 21.83 -1.65
CA ASP C 262 13.70 21.93 -3.04
C ASP C 262 12.76 20.81 -3.46
N CYS C 263 13.07 19.52 -3.13
CA CYS C 263 12.27 18.38 -3.60
C CYS C 263 12.29 17.18 -2.64
N ASP C 264 11.44 16.18 -2.95
CA ASP C 264 11.31 14.93 -2.20
C ASP C 264 11.78 13.75 -3.03
N GLN C 265 11.54 13.79 -4.34
CA GLN C 265 11.91 12.72 -5.26
C GLN C 265 13.35 12.84 -5.68
N ILE C 266 14.05 11.70 -5.69
CA ILE C 266 15.44 11.62 -6.17
C ILE C 266 15.35 11.40 -7.68
N ASN C 267 15.60 12.47 -8.44
CA ASN C 267 15.58 12.46 -9.90
C ASN C 267 16.95 12.92 -10.37
N LEU C 268 17.84 11.95 -10.58
CA LEU C 268 19.21 12.19 -10.98
C LEU C 268 19.59 11.34 -12.18
N PRO C 269 20.38 11.90 -13.15
CA PRO C 269 20.89 11.06 -14.25
C PRO C 269 21.75 9.93 -13.67
N HIS C 270 21.61 8.70 -14.20
CA HIS C 270 22.33 7.52 -13.73
C HIS C 270 23.80 7.83 -13.44
N ASP C 271 24.47 8.51 -14.38
CA ASP C 271 25.87 8.88 -14.32
C ASP C 271 26.20 9.70 -13.08
N VAL C 272 25.35 10.70 -12.77
CA VAL C 272 25.51 11.63 -11.66
C VAL C 272 25.34 10.89 -10.32
N LEU C 273 24.24 10.12 -10.19
CA LEU C 273 23.92 9.31 -9.02
C LEU C 273 25.08 8.37 -8.65
N VAL C 274 25.64 7.66 -9.65
CA VAL C 274 26.75 6.70 -9.51
C VAL C 274 27.97 7.40 -8.93
N GLU C 275 28.35 8.56 -9.49
CA GLU C 275 29.47 9.38 -9.04
C GLU C 275 29.26 9.85 -7.59
N TYR C 276 28.02 10.28 -7.24
CA TYR C 276 27.67 10.76 -5.89
C TYR C 276 27.79 9.59 -4.91
N GLN C 277 27.27 8.41 -5.29
CA GLN C 277 27.32 7.18 -4.49
C GLN C 277 28.75 6.74 -4.26
N GLN C 278 29.68 7.04 -5.19
CA GLN C 278 31.10 6.68 -5.08
C GLN C 278 31.91 7.70 -4.27
N ARG C 279 31.34 8.86 -3.93
CA ARG C 279 32.08 9.89 -3.17
C ARG C 279 32.44 9.43 -1.74
N PRO C 280 31.58 8.85 -0.87
CA PRO C 280 32.07 8.43 0.46
C PRO C 280 33.25 7.44 0.42
N GLN C 281 33.29 6.51 -0.55
CA GLN C 281 34.35 5.51 -0.63
C GLN C 281 35.71 6.16 -1.03
N LEU C 282 35.67 7.27 -1.79
CA LEU C 282 36.89 8.01 -2.12
C LEU C 282 37.52 8.55 -0.83
N LEU C 283 36.68 9.11 0.08
CA LEU C 283 37.20 9.65 1.33
C LEU C 283 37.77 8.52 2.22
N ILE C 284 37.02 7.41 2.33
CA ILE C 284 37.39 6.28 3.17
C ILE C 284 38.70 5.67 2.65
N SER C 285 38.87 5.55 1.32
CA SER C 285 40.13 5.04 0.72
C SER C 285 41.32 5.93 1.11
N ASN C 286 41.14 7.25 1.07
CA ASN C 286 42.17 8.21 1.45
C ASN C 286 42.49 8.04 2.94
N PHE C 287 41.43 7.92 3.80
CA PHE C 287 41.61 7.72 5.24
C PHE C 287 42.35 6.41 5.56
N ILE C 288 41.96 5.29 4.93
CA ILE C 288 42.58 3.99 5.20
C ILE C 288 44.06 4.00 4.69
N ARG C 289 44.31 4.54 3.50
CA ARG C 289 45.67 4.62 2.94
C ARG C 289 46.61 5.45 3.84
N ARG C 290 46.14 6.58 4.41
N ARG C 290 46.13 6.59 4.41
CA ARG C 290 46.93 7.42 5.33
CA ARG C 290 46.90 7.44 5.33
C ARG C 290 47.23 6.64 6.62
C ARG C 290 47.21 6.68 6.65
N ARG C 291 46.21 5.96 7.20
CA ARG C 291 46.35 5.19 8.44
C ARG C 291 47.38 4.06 8.27
N LEU C 292 47.33 3.35 7.13
CA LEU C 292 48.25 2.27 6.81
C LEU C 292 49.64 2.79 6.34
N GLY C 293 49.73 4.09 6.03
CA GLY C 293 50.98 4.72 5.57
C GLY C 293 51.30 4.34 4.14
N LEU C 294 50.26 4.35 3.26
CA LEU C 294 50.34 4.00 1.84
C LEU C 294 50.21 5.25 0.96
MG MG D . -35.81 21.52 -22.25
N1 URA E . -31.13 -0.35 -25.19
C2 URA E . -29.90 -1.00 -25.31
O2 URA E . -28.86 -0.52 -24.95
N3 URA E . -29.77 -2.20 -25.89
C4 URA E . -30.88 -2.84 -26.41
O4 URA E . -30.70 -3.91 -26.95
C5 URA E . -32.20 -2.22 -26.29
C6 URA E . -32.29 -0.97 -25.66
C1 GOL F . -29.49 4.19 -25.00
O1 GOL F . -29.87 5.07 -23.92
C2 GOL F . -30.77 3.55 -25.54
O2 GOL F . -31.30 2.71 -24.52
C3 GOL F . -30.47 2.70 -26.78
O3 GOL F . -31.66 2.50 -27.53
MG MG G . 15.67 -6.49 -7.08
N1 URA H . 12.11 -13.05 14.22
C2 URA H . 12.04 -12.29 15.42
O2 URA H . 11.77 -11.07 15.42
N3 URA H . 12.28 -12.86 16.63
C4 URA H . 12.65 -14.20 16.71
O4 URA H . 12.88 -14.66 17.80
C5 URA H . 12.75 -15.00 15.50
C6 URA H . 12.49 -14.41 14.27
C1 GOL I . 13.15 -9.68 11.42
O1 GOL I . 12.48 -9.40 10.18
C2 GOL I . 13.42 -11.19 11.41
O2 GOL I . 12.22 -11.93 11.77
C3 GOL I . 14.56 -11.52 12.37
O3 GOL I . 15.05 -12.82 12.13
MG MG J . 25.23 -12.81 1.97
N1 URA K . 18.47 8.35 2.41
C2 URA K . 17.54 8.98 3.26
O2 URA K . 17.28 8.55 4.38
N3 URA K . 16.85 10.12 2.86
C4 URA K . 17.08 10.65 1.62
O4 URA K . 16.45 11.64 1.31
C5 URA K . 18.04 10.03 0.71
C6 URA K . 18.72 8.87 1.12
C1 GOL L . 18.04 3.98 4.00
O1 GOL L . 19.30 3.44 4.43
C2 GOL L . 18.35 4.72 2.72
O2 GOL L . 19.26 5.78 3.00
C3 GOL L . 17.06 5.21 2.09
O3 GOL L . 17.28 5.24 0.70
#